data_7SVJ
#
_entry.id   7SVJ
#
_cell.length_a   90.636
_cell.length_b   43.810
_cell.length_c   155.060
_cell.angle_alpha   90.000
_cell.angle_beta   99.360
_cell.angle_gamma   90.000
#
_symmetry.space_group_name_H-M   'I 1 2 1'
#
loop_
_entity.id
_entity.type
_entity.pdbx_description
1 polymer 'Choloylglycine hydrolase'
2 non-polymer 'TETRAETHYLENE GLYCOL'
3 non-polymer DI(HYDROXYETHYL)ETHER
4 non-polymer 'TRIETHYLENE GLYCOL'
5 non-polymer 'CALCIUM ION'
6 water water
#
_entity_poly.entity_id   1
_entity_poly.type   'polypeptide(L)'
_entity_poly.pdbx_seq_one_letter_code
;MCTAVNFQTGSHHFFGRNLDLEISYGEQVVVTPRNYPFHFRQVAPLTHHYALIGMGIVVDDYPLYFDATNEKGLSMAGLN
YPDNADYKALATDKANVTPFEFIPWVLGQAASIAEAKQLLTKLNLVKINFSDDLPLSPLHWLIGDTHSATSLVVECDKDG
LHVYDNPVGVLTNNPSFDKQLFNLNNYRSVSPRVQENSFQPATALNDYSRGLGSHFLPGGMDSMSRFVKVAFTKLNAPHS
ATPLEQVTDFFHILHSVEQPKNLDEVAPNQFEYTIYSSCVDADQGIYYYTTYTNNQINAVKLHNVDLDQAKLTTYALADQ
QTVNYQNHHHHHH
;
_entity_poly.pdbx_strand_id   A,B
#
loop_
_chem_comp.id
_chem_comp.type
_chem_comp.name
_chem_comp.formula
CA non-polymer 'CALCIUM ION' 'Ca 2'
PEG non-polymer DI(HYDROXYETHYL)ETHER 'C4 H10 O3'
PG4 non-polymer 'TETRAETHYLENE GLYCOL' 'C8 H18 O5'
PGE non-polymer 'TRIETHYLENE GLYCOL' 'C6 H14 O4'
#
# COMPACT_ATOMS: atom_id res chain seq x y z
N CYS A 2 5.01 0.05 -13.76
CA CYS A 2 6.14 0.61 -13.04
C CYS A 2 5.76 2.01 -12.60
N THR A 3 6.34 2.47 -11.49
CA THR A 3 6.17 3.85 -11.02
C THR A 3 7.51 4.30 -10.48
N ALA A 4 7.92 5.53 -10.79
CA ALA A 4 9.13 6.09 -10.21
C ALA A 4 8.84 7.47 -9.63
N VAL A 5 9.55 7.81 -8.56
CA VAL A 5 9.26 9.03 -7.81
C VAL A 5 10.56 9.70 -7.38
N ASN A 6 10.66 11.01 -7.58
CA ASN A 6 11.75 11.83 -7.08
C ASN A 6 11.15 12.75 -6.04
N PHE A 7 11.57 12.58 -4.78
CA PHE A 7 10.90 13.18 -3.63
C PHE A 7 11.93 13.96 -2.84
N GLN A 8 11.67 15.25 -2.62
CA GLN A 8 12.58 16.10 -1.87
C GLN A 8 11.83 16.72 -0.71
N THR A 9 12.43 16.62 0.47
CA THR A 9 11.85 17.19 1.68
C THR A 9 12.98 17.45 2.65
N GLY A 10 12.93 18.61 3.31
CA GLY A 10 13.90 18.95 4.34
C GLY A 10 15.36 18.74 3.98
N SER A 11 15.81 19.35 2.88
CA SER A 11 17.19 19.29 2.39
C SER A 11 17.58 17.92 1.87
N HIS A 12 16.70 16.93 1.90
CA HIS A 12 17.04 15.56 1.59
C HIS A 12 16.37 15.13 0.30
N HIS A 13 16.98 14.15 -0.37
CA HIS A 13 16.55 13.73 -1.70
C HIS A 13 16.39 12.22 -1.72
N PHE A 14 15.19 11.76 -2.09
CA PHE A 14 14.90 10.34 -2.19
C PHE A 14 14.36 10.03 -3.58
N PHE A 15 14.84 8.95 -4.16
CA PHE A 15 14.49 8.58 -5.53
C PHE A 15 14.30 7.08 -5.57
N GLY A 16 13.22 6.62 -6.19
CA GLY A 16 12.99 5.18 -6.18
C GLY A 16 11.82 4.80 -7.07
N ARG A 17 11.56 3.50 -7.11
CA ARG A 17 10.60 3.00 -8.09
C ARG A 17 9.98 1.68 -7.63
N ASN A 18 8.77 1.42 -8.14
CA ASN A 18 8.18 0.10 -8.16
C ASN A 18 8.58 -0.57 -9.47
N LEU A 19 9.04 -1.81 -9.40
CA LEU A 19 9.20 -2.61 -10.61
C LEU A 19 7.99 -3.54 -10.68
N ASP A 20 7.15 -3.33 -11.69
CA ASP A 20 5.95 -4.14 -11.86
C ASP A 20 6.16 -5.04 -13.07
N LEU A 21 6.18 -6.35 -12.84
CA LEU A 21 6.36 -7.32 -13.91
C LEU A 21 5.58 -8.57 -13.55
N GLU A 22 5.38 -9.44 -14.54
CA GLU A 22 4.66 -10.67 -14.26
C GLU A 22 5.56 -11.79 -13.77
N ILE A 23 6.88 -11.63 -13.91
CA ILE A 23 7.82 -12.65 -13.45
C ILE A 23 9.09 -11.94 -12.98
N SER A 24 9.73 -12.52 -11.97
CA SER A 24 10.98 -11.98 -11.45
C SER A 24 12.15 -12.53 -12.24
N TYR A 25 13.17 -11.70 -12.42
CA TYR A 25 14.33 -12.05 -13.23
C TYR A 25 15.57 -12.37 -12.39
N GLY A 26 15.43 -12.47 -11.06
CA GLY A 26 16.56 -12.73 -10.20
C GLY A 26 17.29 -11.47 -9.78
N GLU A 27 16.53 -10.41 -9.52
CA GLU A 27 17.08 -9.09 -9.22
C GLU A 27 17.93 -9.14 -7.96
N GLN A 28 18.98 -8.32 -7.95
CA GLN A 28 19.86 -8.13 -6.81
C GLN A 28 20.23 -6.66 -6.73
N VAL A 29 20.64 -6.23 -5.53
CA VAL A 29 21.29 -4.94 -5.41
C VAL A 29 22.72 -5.08 -5.89
N VAL A 30 23.12 -4.24 -6.83
CA VAL A 30 24.43 -4.35 -7.48
C VAL A 30 25.18 -3.05 -7.22
N VAL A 31 26.34 -3.16 -6.58
CA VAL A 31 27.23 -2.02 -6.43
C VAL A 31 28.33 -2.16 -7.47
N THR A 32 28.45 -1.16 -8.35
CA THR A 32 29.54 -1.13 -9.32
C THR A 32 30.55 -0.11 -8.83
N PRO A 33 31.77 -0.52 -8.46
CA PRO A 33 32.74 0.43 -7.92
C PRO A 33 33.40 1.22 -9.04
N ARG A 34 34.24 2.18 -8.65
CA ARG A 34 34.75 3.18 -9.58
C ARG A 34 35.62 2.57 -10.66
N ASN A 35 36.26 1.43 -10.37
CA ASN A 35 37.24 0.85 -11.29
C ASN A 35 36.75 -0.43 -11.97
N TYR A 36 35.47 -0.72 -11.90
CA TYR A 36 34.91 -1.73 -12.77
C TYR A 36 34.86 -1.14 -14.17
N PRO A 37 35.53 -1.75 -15.16
CA PRO A 37 35.57 -1.13 -16.49
C PRO A 37 34.26 -1.34 -17.22
N PHE A 38 33.61 -0.24 -17.60
CA PHE A 38 32.39 -0.28 -18.41
C PHE A 38 32.78 -0.32 -19.88
N HIS A 39 32.57 -1.46 -20.52
CA HIS A 39 32.80 -1.59 -21.95
C HIS A 39 31.48 -1.39 -22.70
N PHE A 40 31.54 -0.68 -23.82
CA PHE A 40 30.35 -0.35 -24.59
C PHE A 40 30.50 -0.87 -26.01
N ARG A 41 29.37 -1.14 -26.66
CA ARG A 41 29.40 -1.68 -28.01
C ARG A 41 29.91 -0.65 -29.02
N GLN A 42 29.65 0.64 -28.79
CA GLN A 42 29.94 1.62 -29.82
C GLN A 42 30.55 2.93 -29.31
N VAL A 43 31.01 2.98 -28.05
CA VAL A 43 31.78 4.13 -27.57
C VAL A 43 32.96 3.63 -26.75
N ALA A 44 33.83 4.56 -26.39
CA ALA A 44 35.04 4.23 -25.64
C ALA A 44 34.65 3.71 -24.26
N PRO A 45 35.48 2.87 -23.66
CA PRO A 45 35.15 2.33 -22.33
C PRO A 45 35.35 3.38 -21.24
N LEU A 46 34.64 3.18 -20.14
CA LEU A 46 34.77 3.99 -18.94
C LEU A 46 35.53 3.14 -17.93
N THR A 47 36.84 3.39 -17.82
CA THR A 47 37.72 2.60 -16.96
C THR A 47 37.75 3.10 -15.53
N HIS A 48 37.44 4.38 -15.31
CA HIS A 48 37.34 4.97 -13.98
C HIS A 48 36.16 5.92 -14.00
N HIS A 49 35.21 5.71 -13.12
CA HIS A 49 33.94 6.42 -13.21
C HIS A 49 33.36 6.52 -11.81
N TYR A 50 32.24 7.22 -11.69
CA TYR A 50 31.54 7.26 -10.41
C TYR A 50 31.02 5.87 -10.05
N ALA A 51 31.01 5.59 -8.76
CA ALA A 51 30.43 4.33 -8.28
C ALA A 51 28.91 4.39 -8.35
N LEU A 52 28.29 3.23 -8.54
CA LEU A 52 26.86 3.11 -8.70
C LEU A 52 26.30 2.10 -7.70
N ILE A 53 25.07 2.36 -7.22
CA ILE A 53 24.29 1.37 -6.48
C ILE A 53 22.89 1.34 -7.08
N GLY A 54 22.36 0.15 -7.28
CA GLY A 54 21.01 0.05 -7.81
C GLY A 54 20.56 -1.40 -7.90
N MET A 55 19.37 -1.58 -8.45
CA MET A 55 18.83 -2.93 -8.63
C MET A 55 19.08 -3.37 -10.05
N GLY A 56 19.48 -4.62 -10.21
CA GLY A 56 19.71 -5.11 -11.54
C GLY A 56 19.97 -6.61 -11.56
N ILE A 57 20.41 -7.06 -12.73
CA ILE A 57 20.74 -8.45 -13.00
C ILE A 57 22.18 -8.47 -13.49
N VAL A 58 22.99 -9.36 -12.95
CA VAL A 58 24.33 -9.55 -13.49
C VAL A 58 24.24 -10.69 -14.50
N VAL A 59 24.45 -10.37 -15.77
CA VAL A 59 24.42 -11.33 -16.86
C VAL A 59 25.85 -11.52 -17.33
N ASP A 60 26.35 -12.76 -17.21
CA ASP A 60 27.76 -13.04 -17.40
C ASP A 60 28.58 -12.13 -16.50
N ASP A 61 29.26 -11.14 -17.09
CA ASP A 61 30.15 -10.27 -16.33
C ASP A 61 29.62 -8.85 -16.18
N TYR A 62 28.40 -8.56 -16.64
CA TYR A 62 27.98 -7.18 -16.80
C TYR A 62 26.75 -6.86 -15.95
N PRO A 63 26.70 -5.67 -15.33
CA PRO A 63 25.52 -5.30 -14.53
C PRO A 63 24.44 -4.61 -15.36
N LEU A 64 23.29 -5.26 -15.50
CA LEU A 64 22.15 -4.70 -16.23
C LEU A 64 21.19 -4.09 -15.21
N TYR A 65 21.20 -2.77 -15.11
CA TYR A 65 20.47 -2.05 -14.07
C TYR A 65 19.05 -1.73 -14.51
N PHE A 66 18.10 -1.95 -13.59
CA PHE A 66 16.75 -1.42 -13.73
C PHE A 66 16.66 0.02 -13.26
N ASP A 67 17.47 0.39 -12.27
CA ASP A 67 17.53 1.71 -11.67
C ASP A 67 18.82 1.78 -10.87
N ALA A 68 19.33 3.00 -10.69
CA ALA A 68 20.57 3.18 -9.97
C ALA A 68 20.74 4.63 -9.56
N THR A 69 21.64 4.84 -8.59
CA THR A 69 22.03 6.15 -8.08
C THR A 69 23.54 6.11 -7.95
N ASN A 70 24.22 7.18 -8.37
CA ASN A 70 25.67 7.21 -8.25
C ASN A 70 26.10 7.88 -6.95
N GLU A 71 27.41 7.86 -6.70
CA GLU A 71 27.96 8.38 -5.46
C GLU A 71 27.81 9.89 -5.34
N LYS A 72 27.45 10.58 -6.43
CA LYS A 72 27.24 12.02 -6.42
C LYS A 72 25.78 12.43 -6.28
N GLY A 73 24.86 11.47 -6.19
CA GLY A 73 23.45 11.78 -5.99
C GLY A 73 22.59 11.75 -7.22
N LEU A 74 23.15 11.48 -8.39
CA LEU A 74 22.37 11.40 -9.62
C LEU A 74 21.72 10.02 -9.73
N SER A 75 20.41 9.99 -10.03
CA SER A 75 19.65 8.76 -10.10
C SER A 75 18.94 8.62 -11.44
N MET A 76 18.74 7.37 -11.86
CA MET A 76 18.00 7.08 -13.08
C MET A 76 17.20 5.80 -12.87
N ALA A 77 16.02 5.74 -13.45
CA ALA A 77 15.24 4.51 -13.47
C ALA A 77 14.67 4.30 -14.86
N GLY A 78 14.73 3.07 -15.35
CA GLY A 78 14.14 2.72 -16.62
C GLY A 78 12.81 2.02 -16.40
N LEU A 79 11.76 2.55 -17.02
CA LEU A 79 10.40 2.07 -16.83
C LEU A 79 9.84 1.64 -18.17
N ASN A 80 8.98 0.61 -18.14
CA ASN A 80 8.42 0.05 -19.37
C ASN A 80 7.66 1.13 -20.15
N TYR A 81 7.88 1.13 -21.47
CA TYR A 81 7.32 2.14 -22.37
C TYR A 81 6.94 1.43 -23.66
N PRO A 82 5.99 0.49 -23.60
CA PRO A 82 5.77 -0.40 -24.74
C PRO A 82 5.20 0.31 -25.96
N ASP A 83 5.71 -0.08 -27.14
CA ASP A 83 5.29 0.41 -28.44
C ASP A 83 5.79 1.81 -28.76
N ASN A 84 5.91 2.67 -27.75
CA ASN A 84 6.38 4.03 -28.00
C ASN A 84 7.89 4.10 -28.16
N ALA A 85 8.64 3.28 -27.43
CA ALA A 85 10.09 3.31 -27.54
C ALA A 85 10.51 2.94 -28.95
N ASP A 86 11.44 3.72 -29.51
CA ASP A 86 11.97 3.48 -30.85
C ASP A 86 13.48 3.71 -30.79
N TYR A 87 14.25 2.63 -30.72
CA TYR A 87 15.70 2.76 -30.72
C TYR A 87 16.21 2.86 -32.15
N LYS A 88 17.41 3.44 -32.29
CA LYS A 88 17.82 4.05 -33.55
C LYS A 88 18.97 3.30 -34.20
N ALA A 89 19.16 3.56 -35.49
CA ALA A 89 20.36 3.10 -36.18
C ALA A 89 21.55 3.92 -35.73
N LEU A 90 22.74 3.33 -35.89
CA LEU A 90 23.97 4.03 -35.54
C LEU A 90 24.04 5.38 -36.26
N ALA A 91 24.43 6.41 -35.51
CA ALA A 91 24.53 7.77 -36.00
C ALA A 91 25.98 8.21 -35.92
N THR A 92 26.51 8.72 -37.05
CA THR A 92 27.95 8.93 -37.16
C THR A 92 28.47 10.01 -36.22
N ASP A 93 27.66 11.04 -35.96
CA ASP A 93 28.10 12.21 -35.22
C ASP A 93 27.81 12.12 -33.72
N LYS A 94 27.27 11.00 -33.24
CA LYS A 94 26.69 10.96 -31.90
C LYS A 94 27.28 9.81 -31.09
N ALA A 95 27.18 9.94 -29.78
CA ALA A 95 27.51 8.85 -28.88
C ALA A 95 26.43 7.78 -29.00
N ASN A 96 26.80 6.62 -29.53
CA ASN A 96 25.85 5.54 -29.78
C ASN A 96 25.88 4.61 -28.59
N VAL A 97 24.84 4.70 -27.75
CA VAL A 97 24.75 3.95 -26.50
C VAL A 97 23.50 3.09 -26.54
N THR A 98 23.63 1.84 -26.13
CA THR A 98 22.46 0.98 -26.10
C THR A 98 21.59 1.32 -24.90
N PRO A 99 20.30 0.98 -24.97
CA PRO A 99 19.45 1.23 -23.79
C PRO A 99 19.92 0.52 -22.53
N PHE A 100 20.61 -0.61 -22.66
CA PHE A 100 21.11 -1.31 -21.48
C PHE A 100 22.41 -0.70 -20.93
N GLU A 101 23.12 0.06 -21.75
CA GLU A 101 24.31 0.79 -21.31
C GLU A 101 24.00 2.20 -20.81
N PHE A 102 22.75 2.66 -20.98
CA PHE A 102 22.40 4.06 -20.78
C PHE A 102 22.59 4.49 -19.33
N ILE A 103 22.14 3.68 -18.37
CA ILE A 103 22.35 4.03 -16.96
C ILE A 103 23.84 4.10 -16.60
N PRO A 104 24.66 3.08 -16.89
CA PRO A 104 26.11 3.24 -16.67
C PRO A 104 26.71 4.44 -17.38
N TRP A 105 26.27 4.72 -18.61
CA TRP A 105 26.88 5.80 -19.38
C TRP A 105 26.64 7.16 -18.73
N VAL A 106 25.40 7.42 -18.29
CA VAL A 106 25.08 8.70 -17.67
C VAL A 106 25.64 8.76 -16.25
N LEU A 107 25.31 7.76 -15.44
CA LEU A 107 25.67 7.82 -14.02
C LEU A 107 27.16 7.66 -13.80
N GLY A 108 27.87 7.00 -14.73
CA GLY A 108 29.30 6.86 -14.58
C GLY A 108 30.04 8.17 -14.80
N GLN A 109 29.46 9.08 -15.58
CA GLN A 109 30.13 10.31 -16.00
C GLN A 109 29.58 11.58 -15.37
N ALA A 110 28.29 11.62 -15.05
CA ALA A 110 27.62 12.86 -14.70
C ALA A 110 27.30 12.88 -13.20
N ALA A 111 27.41 14.07 -12.61
CA ALA A 111 27.17 14.26 -11.18
C ALA A 111 25.88 15.01 -10.87
N SER A 112 25.16 15.48 -11.88
CA SER A 112 24.00 16.32 -11.66
C SER A 112 23.14 16.32 -12.91
N ILE A 113 21.92 16.85 -12.76
CA ILE A 113 21.02 17.00 -13.90
C ILE A 113 21.68 17.86 -14.97
N ALA A 114 22.35 18.94 -14.56
CA ALA A 114 23.00 19.82 -15.51
C ALA A 114 24.00 19.07 -16.37
N GLU A 115 24.85 18.25 -15.74
CA GLU A 115 25.82 17.47 -16.50
C GLU A 115 25.15 16.39 -17.33
N ALA A 116 24.09 15.77 -16.79
CA ALA A 116 23.35 14.78 -17.57
C ALA A 116 22.76 15.39 -18.84
N LYS A 117 22.24 16.61 -18.74
CA LYS A 117 21.67 17.27 -19.91
C LYS A 117 22.72 17.47 -21.00
N GLN A 118 23.97 17.75 -20.59
CA GLN A 118 25.04 17.91 -21.58
C GLN A 118 25.29 16.60 -22.32
N LEU A 119 25.27 15.47 -21.61
CA LEU A 119 25.44 14.17 -22.25
C LEU A 119 24.28 13.87 -23.19
N LEU A 120 23.05 14.24 -22.80
CA LEU A 120 21.89 13.90 -23.60
C LEU A 120 21.90 14.60 -24.96
N THR A 121 22.56 15.75 -25.06
CA THR A 121 22.63 16.44 -26.36
C THR A 121 23.47 15.69 -27.38
N LYS A 122 24.28 14.74 -26.94
CA LYS A 122 25.15 13.96 -27.82
C LYS A 122 24.73 12.51 -27.92
N LEU A 123 23.55 12.16 -27.40
CA LEU A 123 23.17 10.76 -27.23
C LEU A 123 22.36 10.27 -28.41
N ASN A 124 22.64 9.04 -28.85
CA ASN A 124 21.79 8.29 -29.77
C ASN A 124 21.58 6.90 -29.18
N LEU A 125 20.35 6.59 -28.78
CA LEU A 125 20.06 5.27 -28.23
C LEU A 125 19.94 4.27 -29.39
N VAL A 126 20.91 3.37 -29.49
CA VAL A 126 21.06 2.53 -30.67
C VAL A 126 20.43 1.17 -30.44
N LYS A 127 19.76 0.66 -31.48
CA LYS A 127 19.07 -0.62 -31.39
C LYS A 127 20.08 -1.75 -31.56
N ILE A 128 20.73 -2.09 -30.45
CA ILE A 128 21.68 -3.20 -30.37
C ILE A 128 21.34 -4.04 -29.15
N ASN A 129 21.04 -5.32 -29.37
CA ASN A 129 20.68 -6.20 -28.27
C ASN A 129 21.91 -6.58 -27.45
N PHE A 130 21.70 -6.76 -26.15
CA PHE A 130 22.75 -7.29 -25.30
C PHE A 130 23.25 -8.63 -25.82
N SER A 131 22.31 -9.51 -26.19
CA SER A 131 22.62 -10.78 -26.83
C SER A 131 21.38 -11.23 -27.57
N ASP A 132 21.50 -12.31 -28.33
CA ASP A 132 20.33 -12.91 -28.95
C ASP A 132 19.36 -13.43 -27.89
N ASP A 133 19.88 -13.79 -26.71
CA ASP A 133 19.02 -14.28 -25.63
C ASP A 133 18.10 -13.18 -25.13
N LEU A 134 18.66 -11.99 -24.88
CA LEU A 134 17.98 -10.91 -24.18
C LEU A 134 17.81 -9.73 -25.12
N PRO A 135 16.71 -9.68 -25.88
CA PRO A 135 16.47 -8.51 -26.74
C PRO A 135 16.10 -7.28 -25.91
N LEU A 136 16.26 -6.12 -26.54
CA LEU A 136 16.08 -4.85 -25.86
C LEU A 136 14.64 -4.70 -25.37
N SER A 137 14.49 -4.12 -24.17
CA SER A 137 13.16 -3.79 -23.68
C SER A 137 12.82 -2.35 -24.03
N PRO A 138 11.55 -2.05 -24.32
CA PRO A 138 11.14 -0.66 -24.58
C PRO A 138 11.01 0.11 -23.27
N LEU A 139 11.76 1.19 -23.13
CA LEU A 139 11.84 1.90 -21.86
C LEU A 139 11.77 3.40 -22.09
N HIS A 140 11.38 4.11 -21.03
CA HIS A 140 11.65 5.52 -20.84
C HIS A 140 12.21 5.71 -19.44
N TRP A 141 12.81 6.88 -19.18
CA TRP A 141 13.62 7.04 -17.97
C TRP A 141 13.22 8.29 -17.21
N LEU A 142 13.26 8.18 -15.87
CA LEU A 142 13.22 9.34 -14.99
C LEU A 142 14.61 9.57 -14.42
N ILE A 143 15.02 10.85 -14.35
CA ILE A 143 16.32 11.24 -13.80
C ILE A 143 16.11 12.28 -12.71
N GLY A 144 16.79 12.10 -11.57
CA GLY A 144 16.77 13.10 -10.52
C GLY A 144 18.16 13.29 -9.96
N ASP A 145 18.33 14.33 -9.15
CA ASP A 145 19.65 14.57 -8.57
C ASP A 145 19.49 15.16 -7.16
N THR A 146 20.61 15.58 -6.58
CA THR A 146 20.64 16.20 -5.25
C THR A 146 20.97 17.67 -5.30
N HIS A 147 20.91 18.29 -6.48
CA HIS A 147 21.25 19.69 -6.64
C HIS A 147 20.07 20.55 -7.04
N SER A 148 18.94 19.94 -7.36
CA SER A 148 17.77 20.68 -7.81
C SER A 148 16.52 19.96 -7.35
N ALA A 149 15.40 20.69 -7.42
CA ALA A 149 14.08 20.10 -7.30
C ALA A 149 13.51 19.70 -8.66
N THR A 150 14.38 19.37 -9.60
CA THR A 150 14.04 19.11 -10.99
C THR A 150 14.15 17.61 -11.26
N SER A 151 13.25 17.09 -12.07
CA SER A 151 13.39 15.77 -12.65
C SER A 151 13.35 15.88 -14.17
N LEU A 152 14.00 14.96 -14.85
CA LEU A 152 13.93 14.86 -16.30
C LEU A 152 13.22 13.56 -16.69
N VAL A 153 12.49 13.61 -17.79
CA VAL A 153 11.93 12.42 -18.40
C VAL A 153 12.55 12.27 -19.78
N VAL A 154 13.16 11.12 -20.04
CA VAL A 154 13.79 10.83 -21.33
C VAL A 154 12.94 9.82 -22.06
N GLU A 155 12.45 10.21 -23.24
CA GLU A 155 11.63 9.35 -24.08
C GLU A 155 12.16 9.40 -25.50
N CYS A 156 12.62 8.26 -26.00
CA CYS A 156 13.13 8.16 -27.36
C CYS A 156 12.01 7.53 -28.18
N ASP A 157 11.29 8.38 -28.91
CA ASP A 157 10.11 7.99 -29.67
C ASP A 157 10.45 7.82 -31.14
N LYS A 158 9.45 7.41 -31.93
CA LYS A 158 9.68 7.23 -33.36
C LYS A 158 10.14 8.54 -34.01
N ASP A 159 9.67 9.68 -33.54
CA ASP A 159 10.05 10.96 -34.12
C ASP A 159 11.30 11.57 -33.50
N GLY A 160 11.97 10.87 -32.60
CA GLY A 160 13.23 11.33 -32.06
C GLY A 160 13.26 11.32 -30.55
N LEU A 161 14.37 11.82 -30.01
CA LEU A 161 14.62 11.84 -28.57
C LEU A 161 13.96 13.06 -27.96
N HIS A 162 13.25 12.86 -26.85
CA HIS A 162 12.59 13.94 -26.12
C HIS A 162 13.09 13.95 -24.69
N VAL A 163 13.35 15.15 -24.17
CA VAL A 163 13.77 15.34 -22.78
C VAL A 163 12.87 16.41 -22.17
N TYR A 164 12.06 16.02 -21.19
CA TYR A 164 11.07 16.89 -20.59
C TYR A 164 11.49 17.29 -19.19
N ASP A 165 11.16 18.52 -18.83
CA ASP A 165 11.18 18.94 -17.44
C ASP A 165 9.96 18.36 -16.73
N ASN A 166 10.17 17.82 -15.52
CA ASN A 166 9.10 17.14 -14.79
C ASN A 166 9.10 17.63 -13.35
N PRO A 167 8.52 18.80 -13.09
CA PRO A 167 8.49 19.30 -11.71
C PRO A 167 7.70 18.42 -10.76
N VAL A 168 6.64 17.75 -11.23
CA VAL A 168 5.86 16.89 -10.36
C VAL A 168 6.68 15.72 -9.83
N GLY A 169 7.62 15.21 -10.62
CA GLY A 169 8.60 14.26 -10.11
C GLY A 169 8.16 12.83 -10.10
N VAL A 170 7.16 12.46 -10.91
CA VAL A 170 6.71 11.07 -10.99
C VAL A 170 6.63 10.62 -12.45
N LEU A 171 6.63 9.31 -12.63
CA LEU A 171 6.56 8.73 -13.97
C LEU A 171 6.01 7.32 -13.84
N THR A 172 5.20 6.92 -14.81
CA THR A 172 4.75 5.53 -14.88
C THR A 172 5.10 4.93 -16.24
N ASN A 173 4.11 4.43 -16.97
CA ASN A 173 4.33 3.77 -18.26
C ASN A 173 3.74 4.64 -19.39
N ASN A 174 2.99 4.07 -20.33
CA ASN A 174 2.39 4.86 -21.41
C ASN A 174 1.26 5.72 -20.87
N PRO A 175 0.90 6.80 -21.57
CA PRO A 175 1.41 7.32 -22.85
C PRO A 175 2.64 8.19 -22.65
N SER A 176 3.09 8.84 -23.73
CA SER A 176 4.21 9.75 -23.66
C SER A 176 3.93 10.89 -22.67
N PHE A 177 5.01 11.51 -22.22
CA PHE A 177 4.93 12.36 -21.03
C PHE A 177 4.10 13.61 -21.24
N ASP A 178 4.05 14.14 -22.48
CA ASP A 178 3.19 15.28 -22.72
C ASP A 178 1.72 14.95 -22.45
N LYS A 179 1.27 13.77 -22.90
CA LYS A 179 -0.10 13.36 -22.64
C LYS A 179 -0.30 13.01 -21.18
N GLN A 180 0.68 12.34 -20.57
CA GLN A 180 0.54 11.91 -19.19
C GLN A 180 0.46 13.11 -18.27
N LEU A 181 1.37 14.08 -18.43
CA LEU A 181 1.36 15.24 -17.56
C LEU A 181 0.13 16.09 -17.78
N PHE A 182 -0.31 16.22 -19.03
CA PHE A 182 -1.51 16.99 -19.32
C PHE A 182 -2.73 16.46 -18.57
N ASN A 183 -2.78 15.13 -18.40
CA ASN A 183 -3.95 14.52 -17.78
C ASN A 183 -4.19 15.02 -16.35
N LEU A 184 -3.14 15.44 -15.63
CA LEU A 184 -3.34 15.96 -14.28
C LEU A 184 -4.28 17.17 -14.26
N ASN A 185 -4.36 17.93 -15.36
CA ASN A 185 -5.25 19.08 -15.41
C ASN A 185 -6.69 18.71 -15.10
N ASN A 186 -7.09 17.48 -15.41
CA ASN A 186 -8.47 17.06 -15.22
C ASN A 186 -8.82 16.83 -13.76
N TYR A 187 -7.82 16.78 -12.89
CA TYR A 187 -8.02 16.41 -11.49
C TYR A 187 -7.83 17.60 -10.56
N ARG A 188 -7.85 18.82 -11.11
CA ARG A 188 -7.63 20.02 -10.30
C ARG A 188 -8.57 20.11 -9.10
N SER A 189 -9.79 19.58 -9.21
CA SER A 189 -10.76 19.71 -8.12
C SER A 189 -10.58 18.69 -7.01
N VAL A 190 -9.80 17.62 -7.24
CA VAL A 190 -9.53 16.67 -6.17
C VAL A 190 -8.82 17.38 -5.04
N SER A 191 -9.13 16.99 -3.78
CA SER A 191 -8.67 17.78 -2.64
C SER A 191 -8.41 16.89 -1.44
N PRO A 192 -7.44 17.24 -0.59
CA PRO A 192 -7.32 16.56 0.71
C PRO A 192 -8.49 16.87 1.62
N ARG A 193 -9.18 17.98 1.41
CA ARG A 193 -10.29 18.37 2.26
C ARG A 193 -11.61 18.32 1.50
N VAL A 194 -12.70 18.21 2.25
CA VAL A 194 -14.03 18.22 1.64
C VAL A 194 -14.28 19.61 1.04
N GLN A 195 -14.60 19.65 -0.24
CA GLN A 195 -14.79 20.91 -0.96
C GLN A 195 -16.15 21.50 -0.64
N GLU A 196 -16.27 22.80 -0.89
CA GLU A 196 -17.57 23.45 -0.78
C GLU A 196 -18.57 22.79 -1.74
N ASN A 197 -19.84 22.79 -1.35
CA ASN A 197 -20.90 22.26 -2.21
C ASN A 197 -21.16 23.25 -3.34
N SER A 198 -20.61 22.97 -4.52
CA SER A 198 -20.86 23.76 -5.71
C SER A 198 -21.87 23.12 -6.67
N PHE A 199 -22.30 21.88 -6.37
CA PHE A 199 -23.31 21.20 -7.18
C PHE A 199 -24.60 22.00 -7.20
N GLN A 200 -25.11 22.34 -6.02
CA GLN A 200 -26.04 23.44 -5.82
C GLN A 200 -26.03 23.76 -4.34
N PRO A 201 -25.53 24.94 -3.96
CA PRO A 201 -25.39 25.27 -2.53
C PRO A 201 -26.71 25.19 -1.76
N ALA A 202 -27.84 25.46 -2.42
CA ALA A 202 -29.13 25.38 -1.73
C ALA A 202 -29.60 23.95 -1.48
N THR A 203 -28.95 22.95 -2.08
CA THR A 203 -29.33 21.56 -1.90
C THR A 203 -28.52 20.95 -0.77
N ALA A 204 -29.18 20.21 0.11
CA ALA A 204 -28.54 19.70 1.32
C ALA A 204 -27.76 18.44 0.95
N LEU A 205 -26.48 18.62 0.62
CA LEU A 205 -25.58 17.50 0.36
C LEU A 205 -24.79 17.18 1.62
N ASN A 206 -24.86 15.92 2.04
CA ASN A 206 -24.30 15.47 3.31
C ASN A 206 -22.81 15.16 3.14
N ASP A 207 -21.97 15.79 3.96
CA ASP A 207 -20.54 15.47 4.07
C ASP A 207 -20.43 14.24 4.96
N TYR A 208 -20.64 13.07 4.35
CA TYR A 208 -20.93 11.87 5.11
C TYR A 208 -19.70 11.00 5.39
N SER A 209 -18.57 11.31 4.75
CA SER A 209 -17.35 10.53 4.92
C SER A 209 -16.15 11.44 4.92
N ARG A 210 -15.23 11.22 5.87
CA ARG A 210 -13.93 11.85 5.75
C ARG A 210 -13.26 11.37 4.48
N GLY A 211 -12.47 12.23 3.86
CA GLY A 211 -11.81 11.87 2.64
C GLY A 211 -12.62 12.11 1.39
N LEU A 212 -13.83 12.65 1.51
CA LEU A 212 -14.68 12.87 0.34
C LEU A 212 -14.02 13.79 -0.68
N GLY A 213 -13.05 14.61 -0.26
CA GLY A 213 -12.33 15.46 -1.19
C GLY A 213 -11.64 14.70 -2.33
N SER A 214 -11.23 13.46 -2.08
CA SER A 214 -10.56 12.67 -3.10
C SER A 214 -11.46 11.59 -3.69
N HIS A 215 -12.79 11.80 -3.66
CA HIS A 215 -13.73 10.82 -4.18
C HIS A 215 -13.47 10.47 -5.65
N PHE A 216 -12.93 11.40 -6.45
CA PHE A 216 -12.71 11.13 -7.88
C PHE A 216 -11.26 10.76 -8.21
N LEU A 217 -10.46 10.41 -7.20
CA LEU A 217 -9.08 10.03 -7.46
C LEU A 217 -9.03 8.62 -8.04
N PRO A 218 -8.23 8.38 -9.09
CA PRO A 218 -8.15 7.03 -9.67
C PRO A 218 -7.41 6.05 -8.76
N GLY A 219 -7.83 4.79 -8.84
CA GLY A 219 -7.19 3.71 -8.09
C GLY A 219 -6.90 2.47 -8.89
N GLY A 220 -7.02 2.54 -10.22
CA GLY A 220 -6.80 1.38 -11.06
C GLY A 220 -5.33 1.02 -11.20
N MET A 221 -5.10 -0.16 -11.80
CA MET A 221 -3.75 -0.69 -11.97
C MET A 221 -3.06 -0.14 -13.20
N ASP A 222 -3.78 0.59 -14.04
CA ASP A 222 -3.25 1.04 -15.31
C ASP A 222 -2.35 2.26 -15.13
N SER A 223 -1.54 2.51 -16.16
CA SER A 223 -0.47 3.51 -16.10
C SER A 223 -1.00 4.91 -15.82
N MET A 224 -2.07 5.34 -16.48
CA MET A 224 -2.57 6.70 -16.25
C MET A 224 -3.18 6.85 -14.87
N SER A 225 -3.92 5.83 -14.41
CA SER A 225 -4.49 5.89 -13.07
C SER A 225 -3.40 6.00 -12.01
N ARG A 226 -2.34 5.19 -12.15
CA ARG A 226 -1.27 5.21 -11.16
C ARG A 226 -0.52 6.52 -11.18
N PHE A 227 -0.35 7.11 -12.39
CA PHE A 227 0.31 8.42 -12.47
C PHE A 227 -0.48 9.46 -11.67
N VAL A 228 -1.80 9.52 -11.85
CA VAL A 228 -2.59 10.51 -11.14
C VAL A 228 -2.52 10.27 -9.64
N LYS A 229 -2.72 9.03 -9.22
CA LYS A 229 -2.77 8.74 -7.79
C LYS A 229 -1.41 9.00 -7.13
N VAL A 230 -0.32 8.57 -7.77
CA VAL A 230 0.99 8.78 -7.16
C VAL A 230 1.35 10.27 -7.13
N ALA A 231 0.93 11.04 -8.15
CA ALA A 231 1.16 12.48 -8.11
C ALA A 231 0.42 13.12 -6.94
N PHE A 232 -0.85 12.81 -6.78
CA PHE A 232 -1.59 13.38 -5.67
C PHE A 232 -0.97 12.98 -4.33
N THR A 233 -0.58 11.72 -4.20
CA THR A 233 -0.03 11.23 -2.93
C THR A 233 1.32 11.85 -2.64
N LYS A 234 2.18 11.95 -3.65
CA LYS A 234 3.50 12.56 -3.49
C LYS A 234 3.37 14.05 -3.19
N LEU A 235 2.54 14.76 -3.96
CA LEU A 235 2.42 16.21 -3.76
C LEU A 235 1.79 16.58 -2.44
N ASN A 236 1.11 15.64 -1.77
CA ASN A 236 0.45 15.91 -0.49
C ASN A 236 1.11 15.18 0.67
N ALA A 237 2.34 14.74 0.47
CA ALA A 237 3.10 14.04 1.50
C ALA A 237 3.47 15.00 2.64
N PRO A 238 3.62 14.48 3.86
CA PRO A 238 4.05 15.32 4.97
C PRO A 238 5.55 15.60 4.88
N HIS A 239 6.02 16.51 5.72
CA HIS A 239 7.43 16.87 5.78
C HIS A 239 7.95 16.43 7.15
N SER A 240 8.52 15.25 7.21
CA SER A 240 8.94 14.66 8.47
C SER A 240 10.36 15.09 8.84
N ALA A 241 10.71 14.88 10.12
CA ALA A 241 11.88 15.53 10.69
C ALA A 241 13.19 14.81 10.40
N THR A 242 13.19 13.48 10.31
CA THR A 242 14.42 12.73 10.17
C THR A 242 14.44 11.95 8.86
N PRO A 243 15.64 11.61 8.36
CA PRO A 243 15.69 10.86 7.10
C PRO A 243 14.97 9.53 7.13
N LEU A 244 15.05 8.77 8.24
CA LEU A 244 14.36 7.50 8.28
C LEU A 244 12.83 7.68 8.21
N GLU A 245 12.32 8.72 8.87
CA GLU A 245 10.89 9.01 8.78
C GLU A 245 10.50 9.43 7.36
N GLN A 246 11.37 10.20 6.71
CA GLN A 246 11.11 10.57 5.32
C GLN A 246 11.11 9.34 4.42
N VAL A 247 11.99 8.38 4.68
CA VAL A 247 11.98 7.11 3.94
C VAL A 247 10.65 6.40 4.12
N THR A 248 10.15 6.35 5.37
CA THR A 248 8.84 5.78 5.64
C THR A 248 7.76 6.49 4.83
N ASP A 249 7.81 7.83 4.80
CA ASP A 249 6.84 8.57 3.99
C ASP A 249 6.96 8.20 2.51
N PHE A 250 8.19 8.05 2.02
CA PHE A 250 8.40 7.68 0.61
C PHE A 250 7.76 6.34 0.28
N PHE A 251 7.95 5.34 1.16
CA PHE A 251 7.37 4.04 0.87
C PHE A 251 5.85 4.09 0.87
N HIS A 252 5.24 4.95 1.69
CA HIS A 252 3.78 5.11 1.62
C HIS A 252 3.35 5.69 0.27
N ILE A 253 4.18 6.56 -0.32
CA ILE A 253 3.92 7.07 -1.67
C ILE A 253 3.95 5.95 -2.70
N LEU A 254 5.05 5.20 -2.73
CA LEU A 254 5.18 4.15 -3.74
C LEU A 254 4.14 3.06 -3.52
N HIS A 255 3.88 2.69 -2.27
CA HIS A 255 2.91 1.62 -2.04
C HIS A 255 1.49 2.05 -2.36
N SER A 256 1.20 3.35 -2.42
CA SER A 256 -0.11 3.81 -2.83
C SER A 256 -0.51 3.33 -4.21
N VAL A 257 0.45 3.00 -5.06
CA VAL A 257 0.16 2.54 -6.41
C VAL A 257 0.87 1.22 -6.70
N GLU A 258 1.13 0.43 -5.67
CA GLU A 258 1.63 -0.90 -5.96
C GLU A 258 0.53 -1.71 -6.66
N GLN A 259 0.93 -2.69 -7.47
CA GLN A 259 -0.02 -3.56 -8.15
C GLN A 259 -0.08 -4.90 -7.43
N PRO A 260 -1.13 -5.19 -6.67
CA PRO A 260 -1.22 -6.49 -6.01
C PRO A 260 -1.60 -7.61 -6.98
N LYS A 261 -1.15 -8.83 -6.66
CA LYS A 261 -1.74 -10.01 -7.28
C LYS A 261 -3.19 -10.12 -6.83
N ASN A 262 -4.10 -10.59 -7.70
CA ASN A 262 -3.93 -10.87 -9.12
C ASN A 262 -4.84 -9.89 -9.90
N LEU A 263 -4.54 -8.60 -9.78
CA LEU A 263 -5.43 -7.56 -10.26
C LEU A 263 -5.10 -7.08 -11.67
N ASP A 264 -3.91 -7.38 -12.19
CA ASP A 264 -3.47 -6.93 -13.52
C ASP A 264 -3.05 -8.16 -14.31
N GLU A 265 -3.97 -8.73 -15.08
CA GLU A 265 -3.70 -9.91 -15.88
C GLU A 265 -3.12 -9.48 -17.23
N VAL A 266 -1.94 -9.97 -17.54
CA VAL A 266 -1.27 -9.62 -18.81
C VAL A 266 -1.39 -10.73 -19.84
N ALA A 267 -1.73 -11.94 -19.43
CA ALA A 267 -1.88 -13.11 -20.27
C ALA A 267 -2.48 -14.19 -19.40
N PRO A 268 -3.01 -15.27 -19.99
CA PRO A 268 -3.57 -16.34 -19.15
C PRO A 268 -2.56 -16.81 -18.13
N ASN A 269 -2.95 -16.77 -16.86
CA ASN A 269 -2.15 -17.25 -15.74
C ASN A 269 -0.90 -16.40 -15.49
N GLN A 270 -0.92 -15.14 -15.91
CA GLN A 270 0.23 -14.25 -15.71
C GLN A 270 -0.28 -12.88 -15.29
N PHE A 271 0.18 -12.42 -14.14
CA PHE A 271 -0.28 -11.17 -13.53
C PHE A 271 0.92 -10.28 -13.22
N GLU A 272 0.84 -9.04 -13.69
CA GLU A 272 1.85 -8.04 -13.40
C GLU A 272 1.65 -7.52 -11.98
N TYR A 273 2.70 -7.60 -11.16
CA TYR A 273 2.61 -7.19 -9.77
C TYR A 273 3.89 -6.49 -9.37
N THR A 274 3.85 -5.79 -8.23
CA THR A 274 5.02 -5.00 -7.80
C THR A 274 6.03 -5.95 -7.17
N ILE A 275 7.10 -6.26 -7.91
CA ILE A 275 8.13 -7.18 -7.44
C ILE A 275 8.88 -6.58 -6.26
N TYR A 276 9.31 -5.33 -6.40
CA TYR A 276 9.99 -4.62 -5.33
C TYR A 276 9.66 -3.15 -5.43
N SER A 277 9.86 -2.44 -4.32
CA SER A 277 9.77 -0.99 -4.27
C SER A 277 11.06 -0.51 -3.64
N SER A 278 11.72 0.45 -4.29
CA SER A 278 12.98 0.96 -3.81
C SER A 278 12.85 2.41 -3.39
N CYS A 279 13.73 2.81 -2.47
CA CYS A 279 13.86 4.22 -2.08
C CYS A 279 15.34 4.43 -1.81
N VAL A 280 15.98 5.27 -2.60
CA VAL A 280 17.39 5.59 -2.37
C VAL A 280 17.48 6.94 -1.67
N ASP A 281 18.14 6.98 -0.51
CA ASP A 281 18.58 8.25 0.05
C ASP A 281 19.78 8.66 -0.80
N ALA A 282 19.55 9.57 -1.74
CA ALA A 282 20.56 9.89 -2.74
C ALA A 282 21.71 10.69 -2.15
N ASP A 283 21.49 11.37 -1.03
CA ASP A 283 22.57 12.10 -0.39
C ASP A 283 23.52 11.18 0.36
N GLN A 284 23.03 10.06 0.89
CA GLN A 284 23.88 9.13 1.62
C GLN A 284 24.23 7.88 0.83
N GLY A 285 23.58 7.66 -0.31
CA GLY A 285 23.82 6.44 -1.08
C GLY A 285 23.30 5.19 -0.40
N ILE A 286 22.16 5.27 0.27
CA ILE A 286 21.57 4.11 0.94
C ILE A 286 20.39 3.64 0.10
N TYR A 287 20.45 2.40 -0.36
CA TYR A 287 19.41 1.80 -1.21
C TYR A 287 18.50 0.98 -0.30
N TYR A 288 17.30 1.50 -0.04
CA TYR A 288 16.30 0.79 0.74
C TYR A 288 15.31 0.12 -0.20
N TYR A 289 14.76 -1.01 0.23
CA TYR A 289 13.75 -1.65 -0.62
C TYR A 289 12.84 -2.55 0.21
N THR A 290 11.62 -2.74 -0.29
CA THR A 290 10.75 -3.83 0.11
C THR A 290 10.51 -4.72 -1.09
N THR A 291 10.01 -5.92 -0.85
CA THR A 291 9.62 -6.81 -1.93
C THR A 291 8.18 -7.24 -1.71
N TYR A 292 7.58 -7.82 -2.76
CA TYR A 292 6.20 -8.30 -2.61
C TYR A 292 6.07 -9.30 -1.49
N THR A 293 7.11 -10.11 -1.26
CA THR A 293 7.03 -11.22 -0.33
C THR A 293 7.55 -10.89 1.07
N ASN A 294 8.14 -9.72 1.29
CA ASN A 294 8.69 -9.36 2.59
C ASN A 294 8.43 -7.88 2.84
N ASN A 295 7.66 -7.59 3.90
CA ASN A 295 7.26 -6.24 4.21
C ASN A 295 8.33 -5.43 4.93
N GLN A 296 9.32 -6.08 5.54
CA GLN A 296 10.36 -5.30 6.23
C GLN A 296 11.23 -4.57 5.22
N ILE A 297 11.53 -3.31 5.51
CA ILE A 297 12.46 -2.55 4.68
C ILE A 297 13.88 -3.08 4.90
N ASN A 298 14.59 -3.31 3.80
CA ASN A 298 15.99 -3.73 3.80
C ASN A 298 16.82 -2.60 3.23
N ALA A 299 18.11 -2.56 3.58
CA ALA A 299 18.96 -1.47 3.10
C ALA A 299 20.35 -1.97 2.77
N VAL A 300 20.90 -1.45 1.68
CA VAL A 300 22.29 -1.67 1.30
C VAL A 300 22.94 -0.30 1.19
N LYS A 301 24.09 -0.13 1.85
CA LYS A 301 24.80 1.15 1.88
C LYS A 301 25.94 1.13 0.87
N LEU A 302 25.89 2.05 -0.09
CA LEU A 302 26.94 2.12 -1.11
C LEU A 302 28.31 2.30 -0.48
N HIS A 303 28.40 3.15 0.54
CA HIS A 303 29.68 3.50 1.14
C HIS A 303 30.21 2.47 2.12
N ASN A 304 29.47 1.38 2.32
CA ASN A 304 30.04 0.25 3.04
C ASN A 304 30.87 -0.64 2.12
N VAL A 305 30.90 -0.34 0.83
CA VAL A 305 31.74 -1.05 -0.13
C VAL A 305 32.97 -0.21 -0.41
N ASP A 306 34.11 -0.86 -0.60
CA ASP A 306 35.33 -0.20 -1.06
C ASP A 306 35.12 0.22 -2.51
N LEU A 307 34.89 1.52 -2.72
CA LEU A 307 34.52 2.03 -4.04
C LEU A 307 35.68 2.10 -5.02
N ASP A 308 36.90 1.80 -4.58
CA ASP A 308 38.02 1.76 -5.50
C ASP A 308 38.31 0.38 -6.05
N GLN A 309 37.51 -0.63 -5.68
CA GLN A 309 37.66 -1.95 -6.28
C GLN A 309 37.30 -1.91 -7.75
N ALA A 310 37.51 -3.05 -8.42
CA ALA A 310 37.14 -3.22 -9.81
C ALA A 310 36.09 -4.30 -10.02
N LYS A 311 35.81 -5.12 -9.01
CA LYS A 311 34.83 -6.20 -9.13
C LYS A 311 33.46 -5.72 -8.68
N LEU A 312 32.43 -6.35 -9.21
CA LEU A 312 31.07 -6.06 -8.76
C LEU A 312 30.85 -6.64 -7.37
N THR A 313 29.96 -5.98 -6.60
CA THR A 313 29.47 -6.50 -5.33
C THR A 313 27.96 -6.59 -5.43
N THR A 314 27.43 -7.79 -5.18
CA THR A 314 26.00 -8.02 -5.33
C THR A 314 25.42 -8.52 -4.01
N TYR A 315 24.17 -8.14 -3.77
CA TYR A 315 23.44 -8.56 -2.58
C TYR A 315 22.12 -9.18 -3.02
N ALA A 316 21.92 -10.45 -2.67
CA ALA A 316 20.64 -11.08 -2.89
C ALA A 316 19.58 -10.40 -2.05
N LEU A 317 18.36 -10.32 -2.58
CA LEU A 317 17.29 -9.67 -1.88
C LEU A 317 16.82 -10.50 -0.69
N ALA A 318 16.52 -9.83 0.42
CA ALA A 318 15.91 -10.45 1.57
C ALA A 318 14.42 -10.56 1.27
N ASP A 319 14.04 -11.63 0.59
CA ASP A 319 12.67 -11.73 0.06
C ASP A 319 11.77 -12.69 0.85
N GLN A 320 12.21 -13.19 1.99
CA GLN A 320 11.35 -14.03 2.82
C GLN A 320 10.71 -13.16 3.89
N GLN A 321 9.39 -13.30 4.05
CA GLN A 321 8.67 -12.47 5.02
C GLN A 321 9.28 -12.62 6.40
N THR A 322 9.67 -11.49 7.00
CA THR A 322 10.47 -11.48 8.22
C THR A 322 9.68 -10.78 9.32
N VAL A 323 9.11 -11.59 10.21
CA VAL A 323 8.18 -11.13 11.24
C VAL A 323 8.92 -10.94 12.55
N ASN A 324 8.60 -9.87 13.27
CA ASN A 324 9.11 -9.64 14.62
C ASN A 324 8.11 -10.19 15.62
N TYR A 325 8.46 -11.30 16.28
CA TYR A 325 7.59 -11.94 17.25
C TYR A 325 7.82 -11.30 18.61
N GLN A 326 6.80 -10.64 19.13
CA GLN A 326 6.91 -9.83 20.34
C GLN A 326 6.68 -10.62 21.62
N ASN A 327 6.18 -11.84 21.55
CA ASN A 327 6.10 -12.65 22.77
C ASN A 327 6.50 -14.10 22.48
N CYS B 2 -11.63 3.72 8.12
CA CYS B 2 -11.37 2.37 8.60
C CYS B 2 -11.76 1.37 7.53
N THR B 3 -11.08 0.24 7.49
CA THR B 3 -11.42 -0.84 6.57
C THR B 3 -11.22 -2.15 7.30
N ALA B 4 -12.16 -3.07 7.18
CA ALA B 4 -12.03 -4.40 7.76
C ALA B 4 -12.29 -5.46 6.69
N VAL B 5 -11.57 -6.58 6.80
CA VAL B 5 -11.60 -7.62 5.78
C VAL B 5 -11.62 -8.98 6.47
N ASN B 6 -12.49 -9.86 6.00
CA ASN B 6 -12.53 -11.26 6.42
C ASN B 6 -12.15 -12.09 5.19
N PHE B 7 -10.98 -12.71 5.24
CA PHE B 7 -10.36 -13.33 4.07
C PHE B 7 -10.20 -14.82 4.32
N GLN B 8 -10.72 -15.64 3.41
CA GLN B 8 -10.63 -17.09 3.52
C GLN B 8 -9.93 -17.63 2.29
N THR B 9 -8.85 -18.37 2.51
CA THR B 9 -8.16 -19.07 1.45
C THR B 9 -7.54 -20.33 2.04
N GLY B 10 -7.51 -21.39 1.23
CA GLY B 10 -6.84 -22.62 1.58
C GLY B 10 -7.11 -23.18 2.97
N SER B 11 -8.39 -23.24 3.35
CA SER B 11 -8.85 -23.76 4.64
C SER B 11 -8.47 -22.87 5.82
N HIS B 12 -7.97 -21.67 5.55
CA HIS B 12 -7.49 -20.77 6.59
C HIS B 12 -8.31 -19.48 6.59
N HIS B 13 -8.24 -18.77 7.72
CA HIS B 13 -9.13 -17.66 7.98
C HIS B 13 -8.32 -16.52 8.56
N PHE B 14 -8.36 -15.37 7.88
CA PHE B 14 -7.63 -14.19 8.31
C PHE B 14 -8.61 -13.05 8.42
N PHE B 15 -8.53 -12.30 9.52
CA PHE B 15 -9.46 -11.20 9.80
C PHE B 15 -8.65 -10.03 10.34
N GLY B 16 -8.94 -8.82 9.86
CA GLY B 16 -8.19 -7.69 10.35
C GLY B 16 -8.68 -6.39 9.75
N ARG B 17 -8.00 -5.32 10.11
CA ARG B 17 -8.54 -3.99 9.80
C ARG B 17 -7.44 -2.94 9.78
N ASN B 18 -7.70 -1.88 9.00
CA ASN B 18 -6.99 -0.62 9.14
C ASN B 18 -7.76 0.22 10.16
N LEU B 19 -7.05 0.78 11.12
CA LEU B 19 -7.62 1.83 11.97
C LEU B 19 -7.15 3.17 11.42
N ASP B 20 -8.09 3.94 10.88
CA ASP B 20 -7.77 5.23 10.28
C ASP B 20 -8.28 6.32 11.21
N LEU B 21 -7.35 7.14 11.73
CA LEU B 21 -7.72 8.19 12.67
C LEU B 21 -6.72 9.34 12.54
N GLU B 22 -7.10 10.50 13.08
CA GLU B 22 -6.20 11.64 13.04
C GLU B 22 -5.30 11.71 14.25
N ILE B 23 -5.53 10.88 15.26
CA ILE B 23 -4.74 10.91 16.48
C ILE B 23 -4.72 9.50 17.05
N SER B 24 -3.60 9.12 17.64
CA SER B 24 -3.47 7.82 18.29
C SER B 24 -3.96 7.90 19.71
N TYR B 25 -4.61 6.85 20.18
CA TYR B 25 -5.14 6.80 21.54
C TYR B 25 -4.27 6.00 22.49
N GLY B 26 -3.08 5.61 22.07
CA GLY B 26 -2.22 4.78 22.91
C GLY B 26 -2.52 3.31 22.73
N GLU B 27 -2.70 2.90 21.49
CA GLU B 27 -3.10 1.54 21.17
C GLU B 27 -2.05 0.54 21.61
N GLN B 28 -2.52 -0.62 22.08
CA GLN B 28 -1.65 -1.74 22.43
C GLN B 28 -2.35 -3.02 21.99
N VAL B 29 -1.57 -4.07 21.82
CA VAL B 29 -2.18 -5.39 21.69
C VAL B 29 -2.54 -5.86 23.09
N VAL B 30 -3.80 -6.21 23.29
CA VAL B 30 -4.33 -6.54 24.61
C VAL B 30 -4.81 -7.99 24.58
N VAL B 31 -4.25 -8.81 25.46
CA VAL B 31 -4.72 -10.17 25.63
C VAL B 31 -5.55 -10.21 26.91
N THR B 32 -6.82 -10.61 26.78
CA THR B 32 -7.70 -10.79 27.91
C THR B 32 -7.78 -12.28 28.20
N PRO B 33 -7.26 -12.76 29.33
CA PRO B 33 -7.29 -14.20 29.61
C PRO B 33 -8.69 -14.63 30.02
N ARG B 34 -8.85 -15.94 30.18
CA ARG B 34 -10.17 -16.52 30.39
C ARG B 34 -10.82 -16.07 31.70
N ASN B 35 -10.03 -15.73 32.70
CA ASN B 35 -10.56 -15.45 34.03
C ASN B 35 -10.54 -13.96 34.38
N TYR B 36 -10.28 -13.10 33.41
CA TYR B 36 -10.51 -11.68 33.60
C TYR B 36 -12.01 -11.48 33.71
N PRO B 37 -12.52 -10.87 34.78
CA PRO B 37 -13.98 -10.80 34.99
C PRO B 37 -14.58 -9.66 34.18
N PHE B 38 -15.55 -9.98 33.33
CA PHE B 38 -16.34 -8.98 32.62
C PHE B 38 -17.66 -8.77 33.36
N HIS B 39 -17.80 -7.63 34.02
CA HIS B 39 -18.99 -7.25 34.76
C HIS B 39 -19.74 -6.21 33.96
N PHE B 40 -20.81 -6.63 33.30
CA PHE B 40 -21.51 -5.77 32.36
C PHE B 40 -22.55 -4.91 33.09
N ARG B 41 -22.92 -3.80 32.43
CA ARG B 41 -23.85 -2.86 33.06
C ARG B 41 -25.22 -3.48 33.28
N GLN B 42 -25.71 -4.26 32.31
CA GLN B 42 -27.11 -4.64 32.29
C GLN B 42 -27.37 -6.09 31.93
N VAL B 43 -26.33 -6.90 31.72
CA VAL B 43 -26.49 -8.32 31.43
C VAL B 43 -25.62 -9.11 32.40
N ALA B 44 -25.78 -10.42 32.38
CA ALA B 44 -25.10 -11.29 33.33
C ALA B 44 -23.60 -11.24 33.11
N PRO B 45 -22.81 -11.40 34.17
CA PRO B 45 -21.35 -11.30 34.04
C PRO B 45 -20.77 -12.51 33.32
N LEU B 46 -19.58 -12.29 32.75
CA LEU B 46 -18.75 -13.36 32.20
C LEU B 46 -17.44 -13.33 32.99
N THR B 47 -17.40 -14.07 34.10
CA THR B 47 -16.14 -14.15 34.85
C THR B 47 -15.25 -15.28 34.40
N HIS B 48 -15.78 -16.25 33.65
CA HIS B 48 -14.96 -17.21 32.92
C HIS B 48 -15.47 -17.26 31.49
N HIS B 49 -14.57 -17.11 30.53
CA HIS B 49 -14.98 -16.87 29.16
C HIS B 49 -13.81 -17.19 28.24
N TYR B 50 -14.04 -17.07 26.93
CA TYR B 50 -12.96 -17.31 25.98
C TYR B 50 -11.91 -16.21 26.10
N ALA B 51 -10.65 -16.59 25.92
CA ALA B 51 -9.58 -15.60 25.88
C ALA B 51 -9.70 -14.79 24.59
N LEU B 52 -9.27 -13.52 24.66
CA LEU B 52 -9.34 -12.60 23.54
C LEU B 52 -7.96 -12.02 23.25
N ILE B 53 -7.70 -11.74 21.98
CA ILE B 53 -6.53 -10.97 21.57
C ILE B 53 -6.99 -9.94 20.54
N GLY B 54 -6.50 -8.72 20.68
CA GLY B 54 -6.87 -7.67 19.74
C GLY B 54 -6.17 -6.37 20.08
N MET B 55 -6.50 -5.33 19.33
CA MET B 55 -5.96 -4.02 19.59
C MET B 55 -6.94 -3.21 20.42
N GLY B 56 -6.42 -2.53 21.43
CA GLY B 56 -7.29 -1.70 22.22
C GLY B 56 -6.51 -0.73 23.09
N ILE B 57 -7.24 -0.07 23.97
CA ILE B 57 -6.63 0.70 25.05
C ILE B 57 -7.17 0.13 26.35
N VAL B 58 -6.39 0.29 27.42
CA VAL B 58 -6.84 -0.12 28.74
C VAL B 58 -7.08 1.15 29.55
N VAL B 59 -8.31 1.29 30.05
CA VAL B 59 -8.71 2.42 30.88
C VAL B 59 -9.41 1.87 32.09
N ASP B 60 -8.99 2.30 33.29
CA ASP B 60 -9.52 1.77 34.54
C ASP B 60 -9.47 0.24 34.56
N ASP B 61 -8.35 -0.31 34.07
CA ASP B 61 -8.12 -1.75 34.04
C ASP B 61 -9.16 -2.50 33.21
N TYR B 62 -9.77 -1.82 32.23
CA TYR B 62 -10.78 -2.45 31.39
C TYR B 62 -10.33 -2.40 29.94
N PRO B 63 -10.45 -3.50 29.19
CA PRO B 63 -9.94 -3.50 27.81
C PRO B 63 -10.97 -2.97 26.84
N LEU B 64 -10.68 -1.82 26.23
CA LEU B 64 -11.56 -1.20 25.24
C LEU B 64 -11.02 -1.56 23.86
N TYR B 65 -11.62 -2.56 23.23
CA TYR B 65 -11.08 -3.14 22.00
C TYR B 65 -11.57 -2.38 20.76
N PHE B 66 -10.63 -2.07 19.86
CA PHE B 66 -11.00 -1.65 18.51
C PHE B 66 -11.41 -2.85 17.66
N ASP B 67 -10.77 -3.99 17.90
CA ASP B 67 -11.01 -5.22 17.16
C ASP B 67 -10.40 -6.32 18.00
N ALA B 68 -10.90 -7.54 17.83
CA ALA B 68 -10.40 -8.66 18.62
C ALA B 68 -10.84 -9.97 17.99
N THR B 69 -10.14 -11.04 18.37
CA THR B 69 -10.45 -12.40 17.97
C THR B 69 -10.38 -13.25 19.23
N ASN B 70 -11.29 -14.20 19.38
CA ASN B 70 -11.22 -15.09 20.54
C ASN B 70 -10.50 -16.38 20.21
N GLU B 71 -10.28 -17.20 21.26
CA GLU B 71 -9.50 -18.41 21.09
C GLU B 71 -10.21 -19.44 20.23
N LYS B 72 -11.49 -19.23 19.90
CA LYS B 72 -12.23 -20.14 19.03
C LYS B 72 -12.31 -19.66 17.59
N GLY B 73 -11.72 -18.51 17.27
CA GLY B 73 -11.68 -18.05 15.90
C GLY B 73 -12.74 -17.03 15.50
N LEU B 74 -13.63 -16.65 16.42
CA LEU B 74 -14.61 -15.60 16.15
C LEU B 74 -13.95 -14.23 16.31
N SER B 75 -14.12 -13.37 15.31
CA SER B 75 -13.49 -12.04 15.30
C SER B 75 -14.54 -10.95 15.10
N MET B 76 -14.25 -9.77 15.66
CA MET B 76 -15.08 -8.60 15.44
C MET B 76 -14.20 -7.36 15.32
N ALA B 77 -14.64 -6.42 14.50
CA ALA B 77 -14.02 -5.11 14.44
C ALA B 77 -15.11 -4.05 14.48
N GLY B 78 -14.88 -3.01 15.28
CA GLY B 78 -15.74 -1.84 15.29
C GLY B 78 -15.14 -0.73 14.44
N LEU B 79 -15.95 -0.21 13.52
CA LEU B 79 -15.50 0.79 12.55
C LEU B 79 -16.41 2.01 12.64
N ASN B 80 -15.83 3.19 12.43
CA ASN B 80 -16.55 4.44 12.57
C ASN B 80 -17.77 4.48 11.65
N TYR B 81 -18.90 4.97 12.19
CA TYR B 81 -20.19 4.95 11.50
C TYR B 81 -20.92 6.23 11.88
N PRO B 82 -20.35 7.38 11.53
CA PRO B 82 -20.83 8.65 12.11
C PRO B 82 -22.23 9.01 11.64
N ASP B 83 -23.00 9.60 12.57
CA ASP B 83 -24.36 10.05 12.33
C ASP B 83 -25.38 8.92 12.18
N ASN B 84 -24.98 7.82 11.54
CA ASN B 84 -25.91 6.72 11.37
C ASN B 84 -26.14 5.92 12.65
N ALA B 85 -25.11 5.73 13.46
CA ALA B 85 -25.28 4.92 14.67
C ALA B 85 -26.27 5.60 15.60
N ASP B 86 -27.20 4.80 16.14
CA ASP B 86 -28.24 5.30 17.02
C ASP B 86 -28.40 4.28 18.14
N TYR B 87 -27.76 4.55 19.28
CA TYR B 87 -27.87 3.65 20.42
C TYR B 87 -29.15 3.94 21.20
N LYS B 88 -29.65 2.92 21.89
CA LYS B 88 -31.04 2.89 22.30
C LYS B 88 -31.21 3.03 23.80
N ALA B 89 -32.45 3.31 24.20
CA ALA B 89 -32.82 3.22 25.61
C ALA B 89 -32.91 1.77 26.05
N LEU B 90 -32.87 1.56 27.37
CA LEU B 90 -33.03 0.22 27.93
C LEU B 90 -34.32 -0.42 27.44
N ALA B 91 -34.24 -1.71 27.11
CA ALA B 91 -35.38 -2.51 26.67
C ALA B 91 -35.55 -3.69 27.60
N THR B 92 -36.73 -3.80 28.23
CA THR B 92 -36.91 -4.80 29.28
C THR B 92 -36.99 -6.23 28.76
N ASP B 93 -37.16 -6.43 27.46
CA ASP B 93 -37.20 -7.77 26.88
C ASP B 93 -35.98 -8.09 26.02
N LYS B 94 -34.88 -7.37 26.23
CA LYS B 94 -33.67 -7.58 25.44
C LYS B 94 -32.45 -7.70 26.35
N ALA B 95 -31.37 -8.24 25.77
CA ALA B 95 -30.06 -8.17 26.39
C ALA B 95 -29.47 -6.80 26.09
N ASN B 96 -29.40 -5.94 27.10
CA ASN B 96 -28.95 -4.56 26.94
C ASN B 96 -27.44 -4.51 27.12
N VAL B 97 -26.73 -4.24 26.03
CA VAL B 97 -25.26 -4.29 26.00
C VAL B 97 -24.77 -2.95 25.46
N THR B 98 -23.75 -2.39 26.09
CA THR B 98 -23.26 -1.12 25.58
C THR B 98 -22.34 -1.36 24.38
N PRO B 99 -22.15 -0.35 23.54
CA PRO B 99 -21.21 -0.50 22.43
C PRO B 99 -19.78 -0.81 22.87
N PHE B 100 -19.34 -0.36 24.04
CA PHE B 100 -17.99 -0.72 24.47
C PHE B 100 -17.91 -2.12 25.05
N GLU B 101 -19.04 -2.71 25.44
CA GLU B 101 -19.10 -4.08 25.93
C GLU B 101 -19.34 -5.08 24.82
N PHE B 102 -19.70 -4.61 23.62
CA PHE B 102 -20.24 -5.49 22.59
C PHE B 102 -19.23 -6.56 22.18
N ILE B 103 -17.99 -6.16 21.93
CA ILE B 103 -16.97 -7.14 21.56
C ILE B 103 -16.71 -8.16 22.65
N PRO B 104 -16.40 -7.77 23.90
CA PRO B 104 -16.27 -8.80 24.96
C PRO B 104 -17.52 -9.65 25.14
N TRP B 105 -18.70 -9.06 25.00
CA TRP B 105 -19.93 -9.80 25.26
C TRP B 105 -20.13 -10.90 24.22
N VAL B 106 -19.93 -10.58 22.94
CA VAL B 106 -20.04 -11.59 21.90
C VAL B 106 -18.86 -12.55 21.97
N LEU B 107 -17.62 -12.02 21.92
CA LEU B 107 -16.45 -12.88 21.78
C LEU B 107 -16.18 -13.69 23.04
N GLY B 108 -16.63 -13.22 24.20
CA GLY B 108 -16.41 -13.95 25.42
C GLY B 108 -17.20 -15.24 25.50
N GLN B 109 -18.35 -15.31 24.82
CA GLN B 109 -19.25 -16.43 24.96
C GLN B 109 -19.67 -17.11 23.66
N ALA B 110 -19.32 -16.60 22.49
CA ALA B 110 -19.73 -17.22 21.24
C ALA B 110 -18.52 -17.74 20.48
N ALA B 111 -18.68 -18.91 19.86
CA ALA B 111 -17.56 -19.56 19.18
C ALA B 111 -17.69 -19.56 17.66
N SER B 112 -18.81 -19.09 17.12
CA SER B 112 -19.09 -19.14 15.70
C SER B 112 -20.05 -18.02 15.35
N ILE B 113 -20.13 -17.71 14.05
CA ILE B 113 -21.14 -16.77 13.58
C ILE B 113 -22.53 -17.31 13.88
N ALA B 114 -22.75 -18.62 13.68
CA ALA B 114 -24.06 -19.20 13.96
C ALA B 114 -24.46 -18.96 15.41
N GLU B 115 -23.53 -19.15 16.34
CA GLU B 115 -23.83 -18.88 17.74
C GLU B 115 -24.00 -17.39 18.01
N ALA B 116 -23.16 -16.56 17.37
CA ALA B 116 -23.31 -15.11 17.54
C ALA B 116 -24.69 -14.65 17.09
N LYS B 117 -25.24 -15.27 16.05
CA LYS B 117 -26.57 -14.90 15.58
C LYS B 117 -27.62 -15.09 16.66
N GLN B 118 -27.45 -16.13 17.51
CA GLN B 118 -28.38 -16.31 18.62
C GLN B 118 -28.32 -15.12 19.56
N LEU B 119 -27.12 -14.62 19.86
CA LEU B 119 -26.99 -13.44 20.71
C LEU B 119 -27.59 -12.22 20.03
N LEU B 120 -27.39 -12.09 18.72
CA LEU B 120 -27.88 -10.90 18.03
C LEU B 120 -29.40 -10.81 18.04
N THR B 121 -30.11 -11.95 18.09
CA THR B 121 -31.57 -11.90 18.13
C THR B 121 -32.09 -11.29 19.42
N LYS B 122 -31.28 -11.25 20.47
CA LYS B 122 -31.66 -10.70 21.77
C LYS B 122 -31.06 -9.32 22.04
N LEU B 123 -30.20 -8.81 21.16
CA LEU B 123 -29.36 -7.66 21.47
C LEU B 123 -30.16 -6.35 21.40
N ASN B 124 -29.91 -5.48 22.36
CA ASN B 124 -30.27 -4.06 22.28
C ASN B 124 -29.02 -3.28 22.66
N LEU B 125 -28.45 -2.54 21.72
CA LEU B 125 -27.25 -1.75 21.98
C LEU B 125 -27.66 -0.46 22.68
N VAL B 126 -27.30 -0.33 23.96
CA VAL B 126 -27.83 0.73 24.81
C VAL B 126 -26.85 1.88 24.92
N LYS B 127 -27.42 3.09 25.03
CA LYS B 127 -26.64 4.33 25.02
C LYS B 127 -26.17 4.67 26.44
N ILE B 128 -25.15 3.95 26.89
CA ILE B 128 -24.49 4.19 28.17
C ILE B 128 -23.00 4.39 27.91
N ASN B 129 -22.48 5.54 28.34
CA ASN B 129 -21.06 5.84 28.14
C ASN B 129 -20.19 5.01 29.08
N PHE B 130 -18.96 4.70 28.62
CA PHE B 130 -17.99 4.05 29.48
C PHE B 130 -17.69 4.90 30.70
N SER B 131 -17.45 6.18 30.48
CA SER B 131 -17.25 7.13 31.55
C SER B 131 -17.65 8.50 31.02
N ASP B 132 -17.88 9.44 31.94
CA ASP B 132 -18.20 10.78 31.49
C ASP B 132 -17.07 11.38 30.67
N ASP B 133 -15.85 10.89 30.88
CA ASP B 133 -14.66 11.31 30.16
C ASP B 133 -14.57 10.72 28.77
N LEU B 134 -15.29 9.64 28.49
CA LEU B 134 -15.08 8.82 27.30
C LEU B 134 -16.44 8.47 26.73
N PRO B 135 -17.10 9.43 26.08
CA PRO B 135 -18.42 9.15 25.52
C PRO B 135 -18.34 8.19 24.33
N LEU B 136 -19.49 7.60 24.03
CA LEU B 136 -19.56 6.56 23.02
C LEU B 136 -19.20 7.09 21.64
N SER B 137 -18.47 6.27 20.88
CA SER B 137 -18.20 6.51 19.47
C SER B 137 -19.29 5.85 18.64
N PRO B 138 -19.66 6.46 17.51
CA PRO B 138 -20.64 5.82 16.62
C PRO B 138 -19.93 4.76 15.79
N LEU B 139 -20.43 3.53 15.85
CA LEU B 139 -19.73 2.40 15.25
C LEU B 139 -20.72 1.48 14.54
N HIS B 140 -20.17 0.72 13.59
CA HIS B 140 -20.78 -0.52 13.10
C HIS B 140 -19.70 -1.59 13.11
N TRP B 141 -20.12 -2.85 12.96
CA TRP B 141 -19.21 -3.96 13.21
C TRP B 141 -19.21 -4.97 12.08
N LEU B 142 -18.04 -5.54 11.80
CA LEU B 142 -17.89 -6.71 10.94
C LEU B 142 -17.55 -7.91 11.83
N ILE B 143 -18.16 -9.07 11.53
CA ILE B 143 -17.94 -10.29 12.30
C ILE B 143 -17.55 -11.41 11.35
N GLY B 144 -16.49 -12.16 11.69
CA GLY B 144 -16.09 -13.31 10.93
C GLY B 144 -15.77 -14.48 11.85
N ASP B 145 -15.66 -15.67 11.28
CA ASP B 145 -15.32 -16.84 12.09
C ASP B 145 -14.44 -17.80 11.30
N THR B 146 -14.16 -18.96 11.92
CA THR B 146 -13.34 -19.99 11.30
C THR B 146 -14.17 -21.19 10.87
N HIS B 147 -15.48 -21.04 10.75
CA HIS B 147 -16.37 -22.16 10.47
C HIS B 147 -17.24 -21.96 9.25
N SER B 148 -17.30 -20.76 8.70
CA SER B 148 -18.07 -20.50 7.50
C SER B 148 -17.29 -19.52 6.65
N ALA B 149 -17.75 -19.34 5.41
CA ALA B 149 -17.26 -18.29 4.54
C ALA B 149 -18.00 -16.98 4.76
N THR B 150 -18.84 -16.95 5.80
CA THR B 150 -19.77 -15.85 6.05
C THR B 150 -19.08 -14.71 6.77
N SER B 151 -19.55 -13.50 6.51
CA SER B 151 -19.34 -12.38 7.42
C SER B 151 -20.68 -11.75 7.74
N LEU B 152 -20.77 -11.17 8.94
CA LEU B 152 -21.95 -10.38 9.29
C LEU B 152 -21.57 -8.92 9.41
N VAL B 153 -22.52 -8.04 9.10
CA VAL B 153 -22.40 -6.62 9.38
C VAL B 153 -23.51 -6.25 10.34
N VAL B 154 -23.15 -5.60 11.45
CA VAL B 154 -24.12 -5.18 12.46
C VAL B 154 -24.18 -3.66 12.45
N GLU B 155 -25.38 -3.12 12.18
CA GLU B 155 -25.60 -1.68 12.12
C GLU B 155 -26.84 -1.38 12.95
N CYS B 156 -26.66 -0.57 13.99
CA CYS B 156 -27.76 -0.14 14.85
C CYS B 156 -28.11 1.28 14.42
N ASP B 157 -29.20 1.40 13.66
CA ASP B 157 -29.60 2.65 13.03
C ASP B 157 -30.78 3.27 13.78
N LYS B 158 -31.19 4.46 13.33
CA LYS B 158 -32.34 5.12 13.95
C LYS B 158 -33.59 4.25 13.89
N ASP B 159 -33.77 3.47 12.83
CA ASP B 159 -34.95 2.64 12.72
C ASP B 159 -34.81 1.26 13.36
N GLY B 160 -33.64 0.94 13.92
CA GLY B 160 -33.48 -0.30 14.64
C GLY B 160 -32.21 -1.02 14.28
N LEU B 161 -32.09 -2.25 14.76
CA LEU B 161 -30.88 -3.04 14.60
C LEU B 161 -30.96 -3.81 13.29
N HIS B 162 -29.88 -3.77 12.51
CA HIS B 162 -29.79 -4.48 11.26
C HIS B 162 -28.60 -5.42 11.29
N VAL B 163 -28.81 -6.67 10.86
CA VAL B 163 -27.76 -7.65 10.75
C VAL B 163 -27.78 -8.18 9.32
N TYR B 164 -26.70 -7.92 8.57
CA TYR B 164 -26.63 -8.25 7.16
C TYR B 164 -25.67 -9.42 6.93
N ASP B 165 -26.04 -10.29 5.99
CA ASP B 165 -25.08 -11.23 5.42
C ASP B 165 -24.15 -10.47 4.49
N ASN B 166 -22.85 -10.78 4.56
CA ASN B 166 -21.83 -10.06 3.79
C ASN B 166 -20.86 -11.05 3.18
N PRO B 167 -21.25 -11.71 2.08
CA PRO B 167 -20.32 -12.66 1.44
C PRO B 167 -19.06 -12.00 0.87
N VAL B 168 -19.13 -10.72 0.49
CA VAL B 168 -17.93 -10.04 -0.01
C VAL B 168 -16.87 -9.94 1.08
N GLY B 169 -17.28 -9.77 2.34
CA GLY B 169 -16.34 -9.86 3.45
C GLY B 169 -15.55 -8.61 3.76
N VAL B 170 -15.98 -7.43 3.32
CA VAL B 170 -15.29 -6.19 3.63
C VAL B 170 -16.27 -5.18 4.18
N LEU B 171 -15.74 -4.16 4.87
CA LEU B 171 -16.55 -3.10 5.45
C LEU B 171 -15.67 -1.86 5.60
N THR B 172 -16.26 -0.67 5.38
CA THR B 172 -15.57 0.59 5.67
C THR B 172 -16.43 1.41 6.62
N ASN B 173 -16.77 2.65 6.27
CA ASN B 173 -17.50 3.57 7.13
C ASN B 173 -18.90 3.80 6.53
N ASN B 174 -19.38 5.04 6.43
CA ASN B 174 -20.69 5.30 5.83
C ASN B 174 -20.67 5.08 4.32
N PRO B 175 -21.84 4.87 3.69
CA PRO B 175 -23.20 4.81 4.24
C PRO B 175 -23.54 3.44 4.80
N SER B 176 -24.79 3.25 5.19
CA SER B 176 -25.23 1.97 5.71
C SER B 176 -25.01 0.88 4.66
N PHE B 177 -25.00 -0.37 5.15
CA PHE B 177 -24.46 -1.47 4.35
C PHE B 177 -25.32 -1.78 3.12
N ASP B 178 -26.64 -1.56 3.20
CA ASP B 178 -27.44 -1.80 2.00
C ASP B 178 -27.02 -0.87 0.87
N LYS B 179 -26.72 0.39 1.18
CA LYS B 179 -26.28 1.33 0.15
C LYS B 179 -24.86 1.02 -0.28
N GLN B 180 -24.01 0.69 0.68
CA GLN B 180 -22.60 0.39 0.38
C GLN B 180 -22.47 -0.81 -0.55
N LEU B 181 -23.15 -1.91 -0.20
CA LEU B 181 -23.04 -3.12 -1.01
C LEU B 181 -23.66 -2.94 -2.38
N PHE B 182 -24.80 -2.25 -2.45
CA PHE B 182 -25.45 -2.00 -3.74
C PHE B 182 -24.51 -1.28 -4.71
N ASN B 183 -23.65 -0.41 -4.19
CA ASN B 183 -22.78 0.38 -5.06
C ASN B 183 -21.83 -0.49 -5.89
N LEU B 184 -21.49 -1.69 -5.38
CA LEU B 184 -20.64 -2.59 -6.18
C LEU B 184 -21.27 -2.93 -7.52
N ASN B 185 -22.59 -2.86 -7.63
CA ASN B 185 -23.24 -3.18 -8.90
C ASN B 185 -22.75 -2.29 -10.03
N ASN B 186 -22.33 -1.06 -9.71
CA ASN B 186 -21.93 -0.10 -10.72
C ASN B 186 -20.56 -0.42 -11.30
N TYR B 187 -19.82 -1.34 -10.68
CA TYR B 187 -18.46 -1.66 -11.07
C TYR B 187 -18.35 -3.03 -11.72
N ARG B 188 -19.48 -3.59 -12.17
CA ARG B 188 -19.46 -4.92 -12.79
C ARG B 188 -18.47 -5.04 -13.94
N SER B 189 -18.22 -3.94 -14.68
CA SER B 189 -17.36 -4.03 -15.85
C SER B 189 -15.88 -3.91 -15.54
N VAL B 190 -15.51 -3.46 -14.34
CA VAL B 190 -14.10 -3.45 -13.95
C VAL B 190 -13.57 -4.88 -13.99
N SER B 191 -12.32 -5.05 -14.42
CA SER B 191 -11.78 -6.36 -14.72
C SER B 191 -10.29 -6.43 -14.41
N PRO B 192 -9.78 -7.59 -14.02
CA PRO B 192 -8.32 -7.79 -14.01
C PRO B 192 -7.73 -7.84 -15.40
N ARG B 193 -8.51 -8.12 -16.43
CA ARG B 193 -8.05 -8.22 -17.81
C ARG B 193 -8.56 -7.05 -18.61
N VAL B 194 -7.88 -6.75 -19.71
CA VAL B 194 -8.37 -5.75 -20.64
C VAL B 194 -9.62 -6.30 -21.33
N GLN B 195 -10.71 -5.54 -21.24
CA GLN B 195 -11.98 -5.97 -21.78
C GLN B 195 -12.01 -5.84 -23.30
N GLU B 196 -12.96 -6.53 -23.91
CA GLU B 196 -13.18 -6.31 -25.33
C GLU B 196 -13.58 -4.87 -25.57
N ASN B 197 -13.25 -4.36 -26.76
CA ASN B 197 -13.65 -3.02 -27.17
C ASN B 197 -15.12 -3.04 -27.53
N SER B 198 -15.97 -2.57 -26.61
CA SER B 198 -17.41 -2.45 -26.83
C SER B 198 -17.83 -1.02 -27.13
N PHE B 199 -16.91 -0.06 -26.98
CA PHE B 199 -17.21 1.34 -27.25
C PHE B 199 -17.61 1.49 -28.71
N GLN B 200 -16.81 0.93 -29.61
CA GLN B 200 -17.18 0.71 -30.99
C GLN B 200 -16.14 -0.25 -31.58
N PRO B 201 -16.49 -1.51 -31.81
CA PRO B 201 -15.50 -2.49 -32.25
C PRO B 201 -14.75 -2.10 -33.51
N ALA B 202 -15.37 -1.33 -34.42
CA ALA B 202 -14.69 -0.93 -35.64
C ALA B 202 -13.72 0.22 -35.43
N THR B 203 -13.73 0.88 -34.28
CA THR B 203 -12.83 1.98 -33.99
C THR B 203 -11.55 1.44 -33.35
N ALA B 204 -10.40 1.90 -33.84
CA ALA B 204 -9.11 1.37 -33.40
C ALA B 204 -8.78 1.95 -32.03
N LEU B 205 -9.11 1.20 -30.98
CA LEU B 205 -8.78 1.59 -29.62
C LEU B 205 -7.56 0.78 -29.14
N ASN B 206 -6.50 1.50 -28.80
CA ASN B 206 -5.21 0.91 -28.45
C ASN B 206 -5.22 0.42 -27.01
N ASP B 207 -4.88 -0.85 -26.81
CA ASP B 207 -4.67 -1.42 -25.48
C ASP B 207 -3.24 -1.03 -25.09
N TYR B 208 -3.11 0.19 -24.56
CA TYR B 208 -1.81 0.82 -24.43
C TYR B 208 -1.14 0.60 -23.08
N SER B 209 -1.86 0.07 -22.09
CA SER B 209 -1.29 -0.15 -20.77
C SER B 209 -1.82 -1.45 -20.20
N ARG B 210 -0.92 -2.22 -19.60
CA ARG B 210 -1.39 -3.32 -18.77
C ARG B 210 -2.23 -2.74 -17.63
N GLY B 211 -3.23 -3.49 -17.20
CA GLY B 211 -4.08 -3.02 -16.13
C GLY B 211 -5.23 -2.13 -16.56
N LEU B 212 -5.40 -1.90 -17.87
CA LEU B 212 -6.50 -1.04 -18.32
C LEU B 212 -7.86 -1.57 -17.90
N GLY B 213 -7.97 -2.87 -17.63
CA GLY B 213 -9.24 -3.41 -17.15
C GLY B 213 -9.77 -2.75 -15.90
N SER B 214 -8.89 -2.24 -15.04
CA SER B 214 -9.32 -1.58 -13.82
C SER B 214 -9.26 -0.06 -13.90
N HIS B 215 -9.32 0.50 -15.11
CA HIS B 215 -9.18 1.94 -15.26
C HIS B 215 -10.23 2.73 -14.47
N PHE B 216 -11.42 2.18 -14.25
CA PHE B 216 -12.47 2.91 -13.54
C PHE B 216 -12.57 2.53 -12.07
N LEU B 217 -11.55 1.88 -11.52
CA LEU B 217 -11.59 1.51 -10.11
C LEU B 217 -11.30 2.74 -9.24
N PRO B 218 -12.06 2.95 -8.17
CA PRO B 218 -11.81 4.12 -7.32
C PRO B 218 -10.54 3.97 -6.49
N GLY B 219 -9.92 5.12 -6.22
CA GLY B 219 -8.70 5.18 -5.43
C GLY B 219 -8.70 6.26 -4.37
N GLY B 220 -9.86 6.88 -4.09
CA GLY B 220 -9.92 7.96 -3.13
C GLY B 220 -9.84 7.49 -1.68
N MET B 221 -9.68 8.47 -0.79
CA MET B 221 -9.59 8.20 0.65
C MET B 221 -10.94 8.01 1.31
N ASP B 222 -12.03 8.25 0.61
CA ASP B 222 -13.35 8.23 1.22
C ASP B 222 -13.88 6.81 1.37
N SER B 223 -14.91 6.68 2.20
CA SER B 223 -15.42 5.36 2.60
C SER B 223 -15.93 4.54 1.42
N MET B 224 -16.69 5.16 0.50
CA MET B 224 -17.22 4.37 -0.62
C MET B 224 -16.10 3.97 -1.59
N SER B 225 -15.16 4.87 -1.88
CA SER B 225 -14.04 4.51 -2.75
C SER B 225 -13.24 3.34 -2.17
N ARG B 226 -12.92 3.40 -0.88
CA ARG B 226 -12.13 2.34 -0.29
C ARG B 226 -12.90 1.03 -0.26
N PHE B 227 -14.22 1.08 -0.07
CA PHE B 227 -15.03 -0.14 -0.10
C PHE B 227 -14.94 -0.82 -1.46
N VAL B 228 -15.07 -0.04 -2.54
CA VAL B 228 -15.00 -0.65 -3.86
C VAL B 228 -13.60 -1.19 -4.13
N LYS B 229 -12.57 -0.40 -3.83
CA LYS B 229 -11.21 -0.82 -4.13
C LYS B 229 -10.82 -2.06 -3.33
N VAL B 230 -11.13 -2.07 -2.02
CA VAL B 230 -10.77 -3.23 -1.21
C VAL B 230 -11.56 -4.47 -1.62
N ALA B 231 -12.82 -4.31 -2.02
CA ALA B 231 -13.59 -5.46 -2.49
C ALA B 231 -12.95 -6.04 -3.75
N PHE B 232 -12.62 -5.19 -4.72
CA PHE B 232 -11.98 -5.70 -5.93
C PHE B 232 -10.66 -6.39 -5.58
N THR B 233 -9.89 -5.79 -4.67
CA THR B 233 -8.57 -6.33 -4.36
C THR B 233 -8.69 -7.65 -3.61
N LYS B 234 -9.62 -7.72 -2.64
CA LYS B 234 -9.83 -8.95 -1.88
C LYS B 234 -10.38 -10.06 -2.77
N LEU B 235 -11.37 -9.74 -3.61
CA LEU B 235 -12.02 -10.75 -4.43
C LEU B 235 -11.10 -11.31 -5.50
N ASN B 236 -10.04 -10.59 -5.85
CA ASN B 236 -9.08 -11.01 -6.87
C ASN B 236 -7.73 -11.38 -6.28
N ALA B 237 -7.69 -11.68 -4.99
CA ALA B 237 -6.46 -12.07 -4.32
C ALA B 237 -6.02 -13.45 -4.80
N PRO B 238 -4.72 -13.73 -4.75
CA PRO B 238 -4.24 -15.06 -5.12
C PRO B 238 -4.54 -16.05 -3.99
N HIS B 239 -4.34 -17.33 -4.29
CA HIS B 239 -4.54 -18.40 -3.32
C HIS B 239 -3.18 -19.04 -3.07
N SER B 240 -2.44 -18.48 -2.11
CA SER B 240 -1.08 -18.89 -1.82
C SER B 240 -1.06 -20.16 -0.97
N ALA B 241 0.09 -20.85 -1.00
CA ALA B 241 0.16 -22.20 -0.48
C ALA B 241 0.43 -22.27 1.02
N THR B 242 1.06 -21.26 1.61
CA THR B 242 1.48 -21.37 3.01
C THR B 242 0.85 -20.27 3.86
N PRO B 243 0.65 -20.53 5.15
CA PRO B 243 0.03 -19.50 6.02
C PRO B 243 0.72 -18.15 5.98
N LEU B 244 2.05 -18.09 6.04
CA LEU B 244 2.69 -16.78 6.05
C LEU B 244 2.55 -16.07 4.71
N GLU B 245 2.53 -16.80 3.60
CA GLU B 245 2.26 -16.16 2.32
C GLU B 245 0.84 -15.60 2.28
N GLN B 246 -0.12 -16.33 2.88
CA GLN B 246 -1.49 -15.83 2.93
C GLN B 246 -1.59 -14.57 3.80
N VAL B 247 -0.80 -14.50 4.87
CA VAL B 247 -0.75 -13.28 5.68
C VAL B 247 -0.21 -12.13 4.85
N THR B 248 0.89 -12.38 4.11
CA THR B 248 1.44 -11.38 3.20
C THR B 248 0.38 -10.90 2.20
N ASP B 249 -0.35 -11.84 1.60
CA ASP B 249 -1.43 -11.47 0.69
C ASP B 249 -2.47 -10.59 1.37
N PHE B 250 -2.85 -10.94 2.61
CA PHE B 250 -3.82 -10.14 3.35
C PHE B 250 -3.35 -8.71 3.54
N PHE B 251 -2.09 -8.53 3.94
CA PHE B 251 -1.58 -7.18 4.11
C PHE B 251 -1.60 -6.37 2.82
N HIS B 252 -1.37 -7.03 1.66
CA HIS B 252 -1.49 -6.31 0.39
C HIS B 252 -2.93 -5.87 0.15
N ILE B 253 -3.91 -6.64 0.63
CA ILE B 253 -5.31 -6.22 0.52
C ILE B 253 -5.57 -4.98 1.36
N LEU B 254 -5.21 -5.04 2.65
CA LEU B 254 -5.47 -3.89 3.52
C LEU B 254 -4.70 -2.66 3.08
N HIS B 255 -3.43 -2.83 2.70
CA HIS B 255 -2.62 -1.66 2.37
C HIS B 255 -3.09 -1.01 1.07
N SER B 256 -3.86 -1.72 0.24
CA SER B 256 -4.38 -1.12 -0.98
C SER B 256 -5.33 0.03 -0.71
N VAL B 257 -5.89 0.11 0.50
CA VAL B 257 -6.77 1.21 0.86
C VAL B 257 -6.29 1.89 2.14
N GLU B 258 -4.99 1.84 2.43
CA GLU B 258 -4.55 2.65 3.53
C GLU B 258 -4.66 4.13 3.18
N GLN B 259 -4.79 4.96 4.20
CA GLN B 259 -4.86 6.40 3.99
C GLN B 259 -3.53 7.03 4.36
N PRO B 260 -2.73 7.47 3.42
CA PRO B 260 -1.45 8.11 3.77
C PRO B 260 -1.66 9.53 4.24
N LYS B 261 -0.75 9.99 5.07
CA LYS B 261 -0.61 11.42 5.32
C LYS B 261 -0.14 12.08 4.03
N ASN B 262 -0.60 13.31 3.73
CA ASN B 262 -1.68 14.06 4.40
C ASN B 262 -2.82 14.24 3.39
N LEU B 263 -3.42 13.13 2.99
CA LEU B 263 -4.40 13.13 1.90
C LEU B 263 -5.83 13.25 2.38
N ASP B 264 -6.10 13.10 3.67
CA ASP B 264 -7.47 13.15 4.23
C ASP B 264 -7.49 14.13 5.39
N GLU B 265 -7.78 15.39 5.09
CA GLU B 265 -7.82 16.43 6.10
C GLU B 265 -9.20 16.43 6.77
N VAL B 266 -9.22 16.25 8.08
CA VAL B 266 -10.48 16.25 8.82
C VAL B 266 -10.72 17.55 9.58
N ALA B 267 -9.68 18.35 9.78
CA ALA B 267 -9.72 19.62 10.47
C ALA B 267 -8.39 20.30 10.19
N PRO B 268 -8.31 21.62 10.35
CA PRO B 268 -7.03 22.29 10.11
C PRO B 268 -5.95 21.63 10.95
N ASN B 269 -4.88 21.21 10.27
CA ASN B 269 -3.73 20.57 10.92
C ASN B 269 -4.07 19.21 11.53
N GLN B 270 -5.09 18.54 11.00
CA GLN B 270 -5.44 17.19 11.43
C GLN B 270 -5.77 16.36 10.20
N PHE B 271 -5.07 15.24 10.04
CA PHE B 271 -5.24 14.37 8.90
C PHE B 271 -5.48 12.96 9.39
N GLU B 272 -6.53 12.33 8.86
CA GLU B 272 -6.82 10.93 9.16
C GLU B 272 -5.91 10.03 8.32
N TYR B 273 -5.21 9.12 8.98
CA TYR B 273 -4.27 8.22 8.31
C TYR B 273 -4.37 6.85 8.96
N THR B 274 -3.82 5.84 8.29
CA THR B 274 -3.87 4.47 8.79
C THR B 274 -2.83 4.29 9.90
N ILE B 275 -3.30 4.32 11.15
CA ILE B 275 -2.41 4.18 12.30
C ILE B 275 -1.79 2.79 12.34
N TYR B 276 -2.60 1.75 12.15
CA TYR B 276 -2.10 0.39 12.08
C TYR B 276 -2.97 -0.42 11.14
N SER B 277 -2.43 -1.56 10.70
CA SER B 277 -3.13 -2.54 9.88
C SER B 277 -2.93 -3.86 10.58
N SER B 278 -4.02 -4.58 10.85
CA SER B 278 -3.92 -5.85 11.55
C SER B 278 -4.33 -7.00 10.65
N CYS B 279 -3.82 -8.19 10.98
CA CYS B 279 -4.22 -9.43 10.32
C CYS B 279 -4.14 -10.53 11.38
N VAL B 280 -5.27 -11.11 11.77
CA VAL B 280 -5.28 -12.20 12.73
C VAL B 280 -5.40 -13.51 11.98
N ASP B 281 -4.45 -14.41 12.20
CA ASP B 281 -4.65 -15.80 11.79
C ASP B 281 -5.61 -16.34 12.83
N ALA B 282 -6.89 -16.41 12.46
CA ALA B 282 -7.92 -16.73 13.44
C ALA B 282 -7.89 -18.18 13.86
N ASP B 283 -7.32 -19.06 13.04
CA ASP B 283 -7.19 -20.44 13.48
C ASP B 283 -6.12 -20.61 14.54
N GLN B 284 -5.05 -19.83 14.47
CA GLN B 284 -3.92 -19.98 15.37
C GLN B 284 -3.89 -18.96 16.49
N GLY B 285 -4.73 -17.93 16.44
CA GLY B 285 -4.69 -16.89 17.46
C GLY B 285 -3.48 -15.99 17.39
N ILE B 286 -2.96 -15.73 16.20
CA ILE B 286 -1.75 -14.92 16.03
C ILE B 286 -2.18 -13.57 15.47
N TYR B 287 -1.93 -12.52 16.23
CA TYR B 287 -2.28 -11.15 15.86
C TYR B 287 -1.07 -10.49 15.22
N TYR B 288 -1.10 -10.32 13.89
CA TYR B 288 -0.03 -9.66 13.15
C TYR B 288 -0.44 -8.21 12.90
N TYR B 289 0.54 -7.31 12.85
CA TYR B 289 0.21 -5.93 12.54
C TYR B 289 1.41 -5.18 11.97
N THR B 290 1.10 -4.17 11.17
CA THR B 290 2.03 -3.10 10.81
C THR B 290 1.49 -1.79 11.40
N THR B 291 2.35 -0.77 11.41
CA THR B 291 1.94 0.56 11.82
C THR B 291 2.38 1.55 10.76
N TYR B 292 1.82 2.77 10.81
CA TYR B 292 2.23 3.77 9.83
C TYR B 292 3.72 4.03 9.87
N THR B 293 4.33 3.91 11.05
CA THR B 293 5.72 4.28 11.25
C THR B 293 6.70 3.11 11.13
N ASN B 294 6.21 1.87 11.05
CA ASN B 294 7.09 0.70 10.98
C ASN B 294 6.53 -0.30 9.98
N ASN B 295 7.28 -0.56 8.92
CA ASN B 295 6.79 -1.44 7.86
C ASN B 295 6.92 -2.92 8.19
N GLN B 296 7.78 -3.27 9.14
CA GLN B 296 7.95 -4.69 9.44
C GLN B 296 6.70 -5.23 10.14
N ILE B 297 6.27 -6.42 9.71
CA ILE B 297 5.16 -7.09 10.39
C ILE B 297 5.61 -7.57 11.77
N ASN B 298 4.81 -7.27 12.79
CA ASN B 298 5.00 -7.72 14.15
C ASN B 298 3.89 -8.69 14.53
N ALA B 299 4.17 -9.58 15.49
CA ALA B 299 3.18 -10.60 15.83
C ALA B 299 3.16 -10.86 17.33
N VAL B 300 1.95 -11.01 17.86
CA VAL B 300 1.71 -11.45 19.24
C VAL B 300 0.89 -12.73 19.17
N LYS B 301 1.34 -13.78 19.85
CA LYS B 301 0.67 -15.07 19.84
C LYS B 301 -0.20 -15.19 21.07
N LEU B 302 -1.51 -15.38 20.86
CA LEU B 302 -2.44 -15.54 21.98
C LEU B 302 -1.99 -16.66 22.91
N HIS B 303 -1.57 -17.79 22.34
CA HIS B 303 -1.29 -18.97 23.14
C HIS B 303 0.10 -18.97 23.78
N ASN B 304 0.88 -17.90 23.59
CA ASN B 304 2.08 -17.71 24.41
C ASN B 304 1.78 -17.05 25.74
N VAL B 305 0.53 -16.69 25.99
CA VAL B 305 0.10 -16.11 27.26
C VAL B 305 -0.59 -17.20 28.08
N ASP B 306 -0.42 -17.14 29.40
CA ASP B 306 -1.14 -18.04 30.30
C ASP B 306 -2.62 -17.65 30.30
N LEU B 307 -3.42 -18.39 29.55
CA LEU B 307 -4.80 -18.01 29.33
C LEU B 307 -5.68 -18.24 30.56
N ASP B 308 -5.17 -18.88 31.59
CA ASP B 308 -5.95 -19.09 32.80
C ASP B 308 -5.77 -17.99 33.83
N GLN B 309 -4.95 -16.99 33.55
CA GLN B 309 -4.79 -15.85 34.42
C GLN B 309 -6.07 -15.03 34.48
N ALA B 310 -6.04 -14.01 35.34
CA ALA B 310 -7.12 -13.04 35.45
C ALA B 310 -6.70 -11.61 35.12
N LYS B 311 -5.41 -11.35 34.93
CA LYS B 311 -4.92 -10.02 34.66
C LYS B 311 -4.76 -9.85 33.15
N LEU B 312 -4.98 -8.63 32.69
CA LEU B 312 -4.71 -8.34 31.28
C LEU B 312 -3.20 -8.36 31.02
N THR B 313 -2.83 -8.77 29.82
CA THR B 313 -1.46 -8.68 29.33
C THR B 313 -1.48 -7.75 28.12
N THR B 314 -0.63 -6.75 28.13
CA THR B 314 -0.60 -5.76 27.06
C THR B 314 0.81 -5.61 26.51
N TYR B 315 0.90 -5.38 25.20
CA TYR B 315 2.16 -5.18 24.50
C TYR B 315 2.10 -3.84 23.77
N ALA B 316 3.06 -2.97 24.05
CA ALA B 316 3.17 -1.73 23.30
C ALA B 316 3.58 -2.05 21.87
N LEU B 317 3.08 -1.26 20.93
CA LEU B 317 3.35 -1.54 19.53
C LEU B 317 4.80 -1.25 19.21
N ALA B 318 5.37 -2.08 18.34
CA ALA B 318 6.71 -1.88 17.81
C ALA B 318 6.60 -0.79 16.75
N ASP B 319 6.71 0.45 17.19
CA ASP B 319 6.30 1.61 16.39
C ASP B 319 7.42 2.25 15.59
N GLN B 320 8.68 1.89 15.82
CA GLN B 320 9.78 2.55 15.14
C GLN B 320 10.22 1.76 13.92
N GLN B 321 10.51 2.47 12.84
CA GLN B 321 10.86 1.83 11.57
C GLN B 321 12.07 0.95 11.77
N THR B 322 11.91 -0.34 11.47
CA THR B 322 12.90 -1.35 11.83
C THR B 322 13.47 -1.93 10.54
N VAL B 323 14.67 -1.47 10.16
CA VAL B 323 15.30 -1.75 8.87
C VAL B 323 16.29 -2.90 9.04
N ASN B 324 16.34 -3.78 8.04
CA ASN B 324 17.33 -4.85 7.98
C ASN B 324 18.49 -4.34 7.13
N TYR B 325 19.62 -4.04 7.77
CA TYR B 325 20.79 -3.52 7.08
C TYR B 325 21.64 -4.68 6.60
N GLN B 326 21.67 -4.89 5.30
CA GLN B 326 22.25 -6.10 4.72
C GLN B 326 23.77 -6.04 4.57
N ASN B 327 24.36 -4.86 4.63
CA ASN B 327 25.82 -4.82 4.61
C ASN B 327 26.41 -3.98 5.74
O1 PG4 C . 8.97 17.11 -26.56
C1 PG4 C . 9.44 18.06 -25.64
C2 PG4 C . 10.66 17.51 -24.92
O2 PG4 C . 11.67 17.24 -25.86
C3 PG4 C . 12.47 18.35 -26.18
C4 PG4 C . 13.94 18.04 -25.92
O3 PG4 C . 14.37 16.98 -26.73
C5 PG4 C . 15.73 16.98 -27.06
C6 PG4 C . 16.58 17.26 -25.82
O4 PG4 C . 17.89 16.79 -26.02
C7 PG4 C . 18.71 16.86 -24.88
C8 PG4 C . 18.79 18.31 -24.38
O5 PG4 C . 19.17 18.32 -23.03
O1 PG4 D . 20.38 23.16 -17.57
C1 PG4 D . 20.89 22.82 -16.31
C2 PG4 D . 19.75 22.58 -15.33
O2 PG4 D . 18.51 22.67 -15.98
C3 PG4 D . 17.54 21.80 -15.46
C4 PG4 D . 16.18 22.13 -16.08
O3 PG4 D . 15.71 21.04 -16.81
C5 PG4 D . 15.26 21.38 -18.10
C6 PG4 D . 14.81 20.13 -18.85
O4 PG4 D . 14.58 20.43 -20.20
C7 PG4 D . 15.66 20.15 -21.04
C8 PG4 D . 16.06 21.41 -21.80
O5 PG4 D . 15.97 21.20 -23.18
C1 PEG E . -25.02 -16.77 8.39
O1 PEG E . -25.96 -17.59 9.05
C2 PEG E . -25.75 -15.70 7.57
O2 PEG E . -26.61 -14.98 8.42
C3 PEG E . -27.33 -13.98 7.77
C4 PEG E . -27.87 -12.97 8.79
O4 PEG E . -29.06 -13.45 9.35
O1 PG4 F . -29.99 -13.14 13.17
C1 PG4 F . -29.67 -11.95 13.84
C2 PG4 F . -30.94 -11.35 14.42
O2 PG4 F . -30.89 -9.95 14.37
C3 PG4 F . -31.67 -9.40 13.36
C4 PG4 F . -31.72 -7.88 13.51
O3 PG4 F . -32.37 -7.31 12.42
C5 PG4 F . -31.86 -7.70 11.18
C6 PG4 F . -32.62 -7.00 10.06
O4 PG4 F . -31.96 -7.26 8.86
C7 PG4 F . -31.12 -6.23 8.44
C8 PG4 F . -31.27 -6.03 6.93
O5 PG4 F . -31.55 -4.67 6.71
C1 PGE G . -11.21 3.53 22.44
O1 PGE G . -11.92 4.60 21.84
C2 PGE G . -11.72 2.21 21.88
O2 PGE G . -12.98 1.91 22.44
C3 PGE G . -13.74 1.01 21.66
C4 PGE G . -14.85 0.41 22.51
O4 PGE G . -17.32 3.79 21.97
C6 PGE G . -17.83 2.47 21.80
C5 PGE G . -16.68 1.54 21.52
O3 PGE G . -15.89 1.36 22.67
CA CA H . -21.44 -20.08 24.39
CA CA I . -31.75 2.63 6.01
#